data_6JFD
#
_entry.id   6JFD
#
_cell.length_a   44.330
_cell.length_b   146.356
_cell.length_c   65.306
_cell.angle_alpha   90.000
_cell.angle_beta   109.900
_cell.angle_gamma   90.000
#
_symmetry.space_group_name_H-M   'P 1 21 1'
#
loop_
_entity.id
_entity.type
_entity.pdbx_description
1 polymer 'Peptide deformylase'
2 non-polymer 'NICKEL (II) ION'
3 non-polymer '(3R)-3-benzyl-4-oxo-4-[(2-oxo-2-phenylethyl)sulfanyl]butanoic acid'
4 water water
#
_entity_poly.entity_id   1
_entity_poly.type   'polypeptide(L)'
_entity_poly.pdbx_seq_one_letter_code
;IREILKMGDERLLRIAQPVPSELLGSEELQRLIDDMFETMHHVGGVGLAAPQIGVDLQLVIFGFERSERYPDAPAVPPTI
LLNPRITPLDDEMEEGWEGCLSVPGLRGAVSRHRRIRYQGLDPQGQPIDRSVEGFHARVVQHECDHLIGRLYPSRITDFS
KFGFTEVL
;
_entity_poly.pdbx_strand_id   A,B,C,D
#
loop_
_chem_comp.id
_chem_comp.type
_chem_comp.name
_chem_comp.formula
K1U non-polymer '(3R)-3-benzyl-4-oxo-4-[(2-oxo-2-phenylethyl)sulfanyl]butanoic acid' 'C19 H18 O4 S'
NI non-polymer 'NICKEL (II) ION' 'Ni 2'
#
# COMPACT_ATOMS: atom_id res chain seq x y z
N ILE A 1 5.36 -5.52 2.47
CA ILE A 1 6.59 -5.02 3.15
C ILE A 1 7.76 -5.29 2.24
N ARG A 2 8.19 -4.26 1.52
CA ARG A 2 9.34 -4.29 0.63
C ARG A 2 10.56 -3.83 1.41
N GLU A 3 11.75 -4.11 0.87
CA GLU A 3 13.03 -3.71 1.48
C GLU A 3 13.33 -2.25 1.18
N ILE A 4 13.77 -1.53 2.20
CA ILE A 4 14.20 -0.13 2.11
C ILE A 4 15.67 -0.04 1.73
N LEU A 5 15.93 0.73 0.67
CA LEU A 5 17.25 0.90 0.13
C LEU A 5 18.13 1.81 1.01
N LYS A 6 19.40 1.44 1.16
CA LYS A 6 20.36 2.20 1.98
C LYS A 6 21.26 3.09 1.10
N MET A 7 21.56 4.28 1.61
CA MET A 7 22.50 5.21 0.97
C MET A 7 23.79 4.54 0.47
N GLY A 8 24.11 4.83 -0.79
CA GLY A 8 25.18 4.19 -1.55
C GLY A 8 24.65 3.50 -2.77
N ASP A 9 23.43 3.00 -2.67
CA ASP A 9 22.69 2.39 -3.77
C ASP A 9 22.40 3.42 -4.88
N GLU A 10 22.71 3.05 -6.13
CA GLU A 10 22.63 4.00 -7.24
C GLU A 10 21.17 4.41 -7.58
N ARG A 11 20.18 3.60 -7.18
CA ARG A 11 18.74 3.93 -7.38
C ARG A 11 18.15 5.01 -6.46
N LEU A 12 18.77 5.26 -5.30
CA LEU A 12 18.46 6.46 -4.51
C LEU A 12 19.08 7.73 -5.10
N LEU A 13 19.87 7.58 -6.17
CA LEU A 13 20.40 8.70 -6.96
C LEU A 13 19.71 8.97 -8.30
N ARG A 14 18.82 8.11 -8.79
CA ARG A 14 18.06 8.44 -10.00
C ARG A 14 17.15 9.66 -9.76
N ILE A 15 16.96 10.48 -10.77
CA ILE A 15 15.77 11.31 -10.85
C ILE A 15 14.64 10.37 -11.27
N ALA A 16 13.52 10.52 -10.58
CA ALA A 16 12.37 9.66 -10.73
C ALA A 16 11.52 10.05 -11.90
N GLN A 17 10.82 9.07 -12.41
CA GLN A 17 9.88 9.29 -13.49
C GLN A 17 8.50 9.71 -12.98
N PRO A 18 7.81 10.55 -13.76
CA PRO A 18 6.46 10.90 -13.40
C PRO A 18 5.50 9.74 -13.63
N VAL A 19 4.39 9.83 -12.92
CA VAL A 19 3.38 8.80 -12.90
C VAL A 19 2.60 9.01 -14.18
N PRO A 20 2.62 8.03 -15.10
CA PRO A 20 1.85 8.19 -16.33
C PRO A 20 0.38 8.14 -16.04
N SER A 21 -0.42 8.85 -16.83
CA SER A 21 -1.84 9.11 -16.52
C SER A 21 -2.71 7.86 -16.59
N GLU A 22 -2.26 6.85 -17.35
CA GLU A 22 -2.93 5.53 -17.38
C GLU A 22 -3.01 4.83 -16.00
N LEU A 23 -2.02 5.04 -15.13
CA LEU A 23 -1.98 4.40 -13.80
C LEU A 23 -2.88 5.10 -12.76
N LEU A 24 -3.27 6.34 -13.05
CA LEU A 24 -4.15 7.07 -12.14
C LEU A 24 -5.50 6.38 -12.07
N GLY A 25 -5.93 6.06 -10.86
CA GLY A 25 -7.17 5.32 -10.61
C GLY A 25 -6.97 3.83 -10.50
N SER A 26 -5.94 3.32 -11.16
CA SER A 26 -5.77 1.88 -11.34
C SER A 26 -5.51 1.10 -10.05
N GLU A 27 -5.94 -0.14 -10.05
CA GLU A 27 -5.52 -1.11 -9.06
C GLU A 27 -3.99 -1.21 -8.97
N GLU A 28 -3.24 -1.15 -10.08
CA GLU A 28 -1.76 -1.30 -10.03
C GLU A 28 -1.11 -0.33 -9.02
N LEU A 29 -1.44 0.96 -9.16
CA LEU A 29 -0.96 2.05 -8.31
C LEU A 29 -1.38 1.92 -6.84
N GLN A 30 -2.67 1.66 -6.64
CA GLN A 30 -3.22 1.39 -5.33
C GLN A 30 -2.48 0.27 -4.62
N ARG A 31 -1.94 -0.71 -5.36
CA ARG A 31 -1.17 -1.83 -4.77
C ARG A 31 0.17 -1.31 -4.28
N LEU A 32 0.75 -0.47 -5.10
CA LEU A 32 1.94 0.26 -4.73
C LEU A 32 1.69 1.08 -3.46
N ILE A 33 0.61 1.84 -3.40
CA ILE A 33 0.35 2.72 -2.25
C ILE A 33 0.24 1.89 -0.96
N ASP A 34 -0.47 0.78 -1.04
CA ASP A 34 -0.72 -0.08 0.11
C ASP A 34 0.56 -0.74 0.58
N ASP A 35 1.49 -1.04 -0.35
CA ASP A 35 2.82 -1.58 0.02
C ASP A 35 3.68 -0.52 0.72
N MET A 36 3.62 0.70 0.22
CA MET A 36 4.36 1.78 0.83
C MET A 36 3.88 2.03 2.25
N PHE A 37 2.57 2.15 2.43
CA PHE A 37 2.02 2.34 3.77
C PHE A 37 2.36 1.15 4.64
N GLU A 38 2.26 -0.05 4.09
CA GLU A 38 2.55 -1.25 4.85
C GLU A 38 3.98 -1.20 5.33
N THR A 39 4.92 -0.91 4.42
CA THR A 39 6.36 -0.76 4.75
C THR A 39 6.70 0.40 5.75
N MET A 40 6.24 1.62 5.47
CA MET A 40 6.48 2.78 6.33
C MET A 40 5.93 2.59 7.72
N HIS A 41 4.72 2.03 7.81
CA HIS A 41 4.07 1.79 9.10
C HIS A 41 4.91 0.78 9.94
N HIS A 42 5.42 -0.29 9.31
CA HIS A 42 6.25 -1.34 9.96
C HIS A 42 7.54 -0.88 10.65
N VAL A 43 8.38 -0.13 9.93
CA VAL A 43 9.61 0.47 10.51
C VAL A 43 9.37 1.79 11.23
N GLY A 44 8.11 2.18 11.45
CA GLY A 44 7.77 3.30 12.34
C GLY A 44 7.99 4.70 11.76
N GLY A 45 8.19 4.78 10.45
CA GLY A 45 8.59 6.01 9.78
C GLY A 45 7.45 6.99 9.54
N VAL A 46 7.86 8.24 9.36
CA VAL A 46 6.97 9.38 9.15
C VAL A 46 6.65 9.57 7.65
N GLY A 47 7.59 9.14 6.79
CA GLY A 47 7.55 9.33 5.36
C GLY A 47 8.24 8.21 4.59
N LEU A 48 7.81 8.03 3.35
CA LEU A 48 8.51 7.19 2.40
C LEU A 48 8.28 7.74 1.01
N ALA A 49 9.25 7.53 0.13
CA ALA A 49 9.12 7.85 -1.26
C ALA A 49 9.26 6.55 -2.04
N ALA A 50 8.74 6.52 -3.25
CA ALA A 50 8.78 5.31 -4.07
C ALA A 50 10.21 4.79 -4.38
N PRO A 51 11.17 5.70 -4.66
CA PRO A 51 12.56 5.28 -4.90
C PRO A 51 13.22 4.45 -3.81
N GLN A 52 12.86 4.69 -2.56
CA GLN A 52 13.45 4.00 -1.42
C GLN A 52 13.09 2.55 -1.33
N ILE A 53 11.97 2.13 -1.95
CA ILE A 53 11.63 0.69 -2.07
C ILE A 53 11.85 0.16 -3.49
N GLY A 54 12.74 0.76 -4.25
CA GLY A 54 13.09 0.27 -5.57
C GLY A 54 12.27 0.77 -6.73
N VAL A 55 11.29 1.66 -6.51
CA VAL A 55 10.35 2.04 -7.56
C VAL A 55 10.57 3.48 -8.11
N ASP A 56 10.98 3.52 -9.37
CA ASP A 56 11.32 4.74 -10.13
C ASP A 56 10.15 5.73 -10.40
N LEU A 57 9.39 6.13 -9.37
CA LEU A 57 8.22 6.98 -9.60
C LEU A 57 8.06 8.17 -8.66
N GLN A 58 7.50 9.25 -9.20
CA GLN A 58 7.25 10.46 -8.45
C GLN A 58 6.04 10.33 -7.52
N LEU A 59 6.26 9.62 -6.43
CA LEU A 59 5.16 9.31 -5.58
C LEU A 59 5.68 9.16 -4.16
N VAL A 60 5.09 9.94 -3.26
CA VAL A 60 5.51 9.94 -1.86
C VAL A 60 4.28 9.85 -0.98
N ILE A 61 4.46 9.19 0.16
CA ILE A 61 3.47 9.21 1.21
C ILE A 61 4.08 9.85 2.43
N PHE A 62 3.26 10.47 3.26
CA PHE A 62 3.68 10.98 4.56
C PHE A 62 2.48 11.22 5.51
N GLY A 63 2.73 11.26 6.81
CA GLY A 63 1.66 11.35 7.81
C GLY A 63 2.19 11.16 9.21
N PHE A 64 1.47 11.71 10.18
CA PHE A 64 1.81 11.59 11.61
C PHE A 64 0.56 12.06 12.36
N GLU A 65 0.10 11.29 13.35
CA GLU A 65 -1.17 11.60 14.05
C GLU A 65 -0.98 12.46 15.29
N PRO A 74 3.13 18.08 16.80
CA PRO A 74 3.38 18.67 15.49
C PRO A 74 2.88 17.72 14.40
N ALA A 75 1.55 17.61 14.32
CA ALA A 75 0.88 16.62 13.48
C ALA A 75 0.96 16.97 11.98
N VAL A 76 1.02 15.94 11.12
CA VAL A 76 0.99 16.09 9.66
C VAL A 76 -0.10 15.21 9.08
N PRO A 77 -1.03 15.78 8.27
CA PRO A 77 -2.15 15.01 7.71
C PRO A 77 -1.72 13.93 6.72
N PRO A 78 -2.24 12.68 6.87
CA PRO A 78 -1.87 11.58 5.93
C PRO A 78 -2.09 11.98 4.46
N THR A 79 -1.11 11.75 3.61
CA THR A 79 -1.17 12.28 2.25
C THR A 79 -0.40 11.36 1.30
N ILE A 80 -0.97 11.15 0.12
CA ILE A 80 -0.31 10.48 -0.97
C ILE A 80 -0.18 11.52 -2.07
N LEU A 81 1.07 11.88 -2.37
CA LEU A 81 1.33 12.96 -3.30
C LEU A 81 2.09 12.47 -4.52
N LEU A 82 1.60 12.87 -5.69
CA LEU A 82 2.12 12.40 -6.96
C LEU A 82 2.59 13.58 -7.77
N ASN A 83 3.62 13.35 -8.57
CA ASN A 83 4.17 14.33 -9.52
C ASN A 83 4.37 15.73 -8.92
N PRO A 84 5.06 15.80 -7.78
CA PRO A 84 4.97 16.98 -6.98
C PRO A 84 5.76 18.12 -7.57
N ARG A 85 5.39 19.35 -7.19
CA ARG A 85 6.11 20.56 -7.51
C ARG A 85 6.11 21.49 -6.28
N ILE A 86 7.28 22.06 -5.96
CA ILE A 86 7.45 22.88 -4.75
C ILE A 86 7.88 24.29 -5.12
N THR A 87 7.38 25.24 -4.33
CA THR A 87 7.65 26.66 -4.52
C THR A 87 7.89 27.21 -3.13
N PRO A 88 9.12 27.64 -2.84
CA PRO A 88 9.32 28.31 -1.56
C PRO A 88 8.53 29.61 -1.51
N LEU A 89 7.88 29.88 -0.40
CA LEU A 89 6.98 31.04 -0.28
C LEU A 89 7.71 32.32 0.07
N ASP A 90 8.87 32.20 0.70
CA ASP A 90 9.79 33.31 0.92
C ASP A 90 11.19 32.73 1.21
N ASP A 91 12.17 33.62 1.41
CA ASP A 91 13.55 33.20 1.66
C ASP A 91 13.82 32.63 3.07
N GLU A 92 12.96 32.89 4.04
CA GLU A 92 13.24 32.49 5.42
C GLU A 92 13.51 30.98 5.59
N MET A 93 14.58 30.64 6.31
CA MET A 93 14.99 29.25 6.52
C MET A 93 14.93 28.89 7.98
N GLU A 94 15.03 27.60 8.27
CA GLU A 94 14.84 27.09 9.60
C GLU A 94 15.57 25.76 9.73
N GLU A 95 16.37 25.62 10.78
CA GLU A 95 17.14 24.42 11.04
C GLU A 95 16.30 23.53 11.91
N GLY A 96 16.25 22.25 11.58
CA GLY A 96 15.75 21.22 12.50
C GLY A 96 16.44 19.91 12.25
N TRP A 97 16.18 18.94 13.11
CA TRP A 97 16.62 17.55 12.94
C TRP A 97 15.92 16.83 11.80
N GLU A 98 16.64 15.94 11.13
CA GLU A 98 16.10 15.04 10.13
C GLU A 98 16.79 13.69 10.27
N GLY A 99 16.02 12.63 10.18
CA GLY A 99 16.55 11.27 10.05
C GLY A 99 15.99 10.69 8.77
N CYS A 100 16.41 9.49 8.40
CA CYS A 100 15.89 8.87 7.19
C CYS A 100 16.07 7.41 7.33
N LEU A 101 15.09 6.69 6.83
CA LEU A 101 15.09 5.23 6.86
C LEU A 101 16.19 4.62 5.97
N SER A 102 16.55 5.34 4.90
CA SER A 102 17.69 5.01 4.04
C SER A 102 19.07 5.33 4.69
N VAL A 103 19.07 6.18 5.71
CA VAL A 103 20.31 6.60 6.42
C VAL A 103 20.28 6.12 7.92
N PRO A 104 20.28 4.79 8.14
CA PRO A 104 20.04 4.29 9.50
C PRO A 104 21.17 4.62 10.44
N GLY A 105 20.84 4.82 11.72
CA GLY A 105 21.84 5.08 12.77
C GLY A 105 22.31 6.53 12.94
N LEU A 106 21.79 7.45 12.13
CA LEU A 106 22.30 8.80 11.95
C LEU A 106 21.18 9.85 12.12
N ARG A 107 21.57 11.09 12.38
CA ARG A 107 20.66 12.24 12.43
C ARG A 107 21.51 13.39 12.00
N GLY A 108 20.87 14.44 11.50
CA GLY A 108 21.57 15.66 11.13
C GLY A 108 20.68 16.88 11.21
N ALA A 109 21.30 18.04 11.38
CA ALA A 109 20.61 19.31 11.27
C ALA A 109 20.57 19.73 9.81
N VAL A 110 19.38 20.08 9.32
CA VAL A 110 19.22 20.63 7.98
C VAL A 110 18.41 21.91 8.05
N SER A 111 18.64 22.80 7.09
CA SER A 111 17.99 24.08 7.04
C SER A 111 17.16 24.10 5.77
N ARG A 112 15.84 24.15 5.96
CA ARG A 112 14.87 24.01 4.89
C ARG A 112 14.08 25.33 4.85
N HIS A 113 13.31 25.55 3.79
CA HIS A 113 12.36 26.68 3.79
C HIS A 113 11.30 26.52 4.88
N ARG A 114 10.93 27.63 5.50
CA ARG A 114 9.92 27.61 6.54
C ARG A 114 8.54 27.49 5.90
N ARG A 115 8.36 28.12 4.74
CA ARG A 115 7.07 28.25 4.07
C ARG A 115 7.22 27.82 2.64
N ILE A 116 6.33 26.90 2.26
CA ILE A 116 6.28 26.36 0.93
C ILE A 116 4.84 26.22 0.47
N ARG A 117 4.69 26.26 -0.85
CA ARG A 117 3.50 25.79 -1.52
C ARG A 117 3.89 24.46 -2.18
N TYR A 118 3.02 23.46 -2.13
CA TYR A 118 3.20 22.26 -2.98
C TYR A 118 1.98 21.88 -3.76
N GLN A 119 2.25 21.33 -4.93
CA GLN A 119 1.23 20.96 -5.88
C GLN A 119 1.56 19.59 -6.44
N GLY A 120 0.53 18.92 -6.95
CA GLY A 120 0.68 17.57 -7.45
C GLY A 120 -0.67 16.98 -7.67
N LEU A 121 -0.72 15.66 -7.81
CA LEU A 121 -1.96 14.89 -8.01
C LEU A 121 -2.17 13.89 -6.83
N ASP A 122 -3.44 13.60 -6.55
CA ASP A 122 -3.81 12.55 -5.60
C ASP A 122 -3.83 11.25 -6.43
N PRO A 123 -4.09 10.09 -5.77
CA PRO A 123 -4.13 8.81 -6.49
C PRO A 123 -5.16 8.71 -7.65
N GLN A 124 -6.24 9.50 -7.61
CA GLN A 124 -7.20 9.49 -8.71
C GLN A 124 -6.95 10.57 -9.76
N GLY A 125 -5.92 11.39 -9.62
CA GLY A 125 -5.71 12.52 -10.54
C GLY A 125 -6.37 13.87 -10.19
N GLN A 126 -6.93 14.02 -8.98
CA GLN A 126 -7.48 15.30 -8.52
C GLN A 126 -6.31 16.21 -8.11
N PRO A 127 -6.35 17.53 -8.45
CA PRO A 127 -5.21 18.40 -8.15
C PRO A 127 -5.08 18.73 -6.67
N ILE A 128 -3.84 18.69 -6.17
CA ILE A 128 -3.50 19.10 -4.83
C ILE A 128 -2.73 20.40 -4.96
N ASP A 129 -2.99 21.31 -4.01
CA ASP A 129 -2.44 22.66 -3.96
C ASP A 129 -2.55 23.23 -2.53
N ARG A 130 -1.46 23.12 -1.77
CA ARG A 130 -1.46 23.52 -0.35
C ARG A 130 -0.28 24.44 -0.04
N SER A 131 -0.48 25.39 0.88
CA SER A 131 0.61 26.18 1.46
C SER A 131 0.73 25.80 2.93
N VAL A 132 1.95 25.51 3.38
CA VAL A 132 2.19 24.98 4.70
C VAL A 132 3.49 25.54 5.26
N GLU A 133 3.69 25.29 6.55
CA GLU A 133 4.87 25.73 7.24
C GLU A 133 5.31 24.77 8.33
N GLY A 134 6.52 24.99 8.81
CA GLY A 134 6.97 24.26 10.00
C GLY A 134 7.21 22.85 9.58
N PHE A 135 7.04 21.93 10.52
CA PHE A 135 7.38 20.54 10.32
C PHE A 135 6.76 19.96 9.03
N HIS A 136 5.50 20.33 8.74
CA HIS A 136 4.83 19.94 7.51
C HIS A 136 5.68 20.28 6.24
N ALA A 137 6.15 21.50 6.14
CA ALA A 137 7.03 21.92 5.03
C ALA A 137 8.35 21.16 4.98
N ARG A 138 8.87 20.79 6.14
CA ARG A 138 10.13 20.08 6.23
C ARG A 138 10.02 18.70 5.57
N VAL A 139 8.93 18.02 5.92
CA VAL A 139 8.68 16.63 5.55
C VAL A 139 8.40 16.53 4.05
N VAL A 140 7.61 17.45 3.55
CA VAL A 140 7.39 17.50 2.11
C VAL A 140 8.69 17.75 1.38
N GLN A 141 9.50 18.71 1.81
CA GLN A 141 10.84 19.04 1.22
C GLN A 141 11.83 17.85 1.25
N HIS A 142 11.89 17.18 2.38
CA HIS A 142 12.68 15.98 2.55
C HIS A 142 12.22 14.87 1.62
N GLU A 143 10.91 14.64 1.52
CA GLU A 143 10.39 13.58 0.65
C GLU A 143 10.65 13.83 -0.81
N CYS A 144 10.29 15.01 -1.29
CA CYS A 144 10.54 15.39 -2.67
C CYS A 144 12.04 15.47 -3.04
N ASP A 145 12.94 15.56 -2.05
CA ASP A 145 14.38 15.46 -2.33
C ASP A 145 14.76 14.06 -2.89
N HIS A 146 14.14 13.00 -2.35
CA HIS A 146 14.23 11.62 -2.92
C HIS A 146 13.89 11.47 -4.41
N LEU A 147 12.85 12.14 -4.84
CA LEU A 147 12.46 12.05 -6.23
C LEU A 147 13.45 12.69 -7.19
N ILE A 148 14.42 13.46 -6.63
CA ILE A 148 15.56 14.04 -7.35
C ILE A 148 16.97 13.52 -6.95
N GLY A 149 17.03 12.42 -6.24
CA GLY A 149 18.31 11.80 -5.93
C GLY A 149 19.15 12.54 -4.92
N ARG A 150 18.48 13.17 -3.95
CA ARG A 150 19.14 13.88 -2.85
C ARG A 150 18.72 13.31 -1.53
N LEU A 151 19.69 13.07 -0.67
CA LEU A 151 19.44 12.64 0.68
C LEU A 151 19.90 13.74 1.59
N TYR A 152 19.40 13.75 2.83
CA TYR A 152 19.64 14.87 3.74
C TYR A 152 21.15 15.20 3.93
N PRO A 153 22.06 14.19 3.99
CA PRO A 153 23.50 14.53 4.03
C PRO A 153 23.96 15.54 2.99
N SER A 154 23.46 15.47 1.76
CA SER A 154 23.81 16.44 0.71
C SER A 154 23.19 17.85 0.92
N ARG A 155 22.46 18.04 2.01
CA ARG A 155 21.84 19.33 2.35
C ARG A 155 22.43 19.99 3.58
N ILE A 156 23.17 19.25 4.39
CA ILE A 156 23.76 19.75 5.65
C ILE A 156 24.76 20.84 5.32
N THR A 157 24.68 21.93 6.08
CA THR A 157 25.70 22.98 6.05
C THR A 157 26.46 23.14 7.41
N ASP A 158 25.92 22.61 8.50
CA ASP A 158 26.61 22.57 9.77
C ASP A 158 26.99 21.11 10.15
N PHE A 159 28.20 20.70 9.79
CA PHE A 159 28.62 19.35 10.11
C PHE A 159 28.93 19.15 11.57
N SER A 160 28.81 20.17 12.41
CA SER A 160 28.90 19.99 13.87
C SER A 160 27.72 19.18 14.41
N LYS A 161 26.59 19.29 13.72
CA LYS A 161 25.34 18.63 14.14
C LYS A 161 25.04 17.29 13.39
N PHE A 162 26.03 16.74 12.70
CA PHE A 162 25.87 15.49 12.01
C PHE A 162 26.55 14.34 12.77
N GLY A 163 25.79 13.31 13.10
CA GLY A 163 26.39 12.17 13.77
C GLY A 163 25.46 11.03 14.16
N PHE A 164 26.05 10.01 14.78
CA PHE A 164 25.31 8.79 15.13
C PHE A 164 24.30 9.04 16.23
N THR A 165 23.14 8.37 16.14
CA THR A 165 22.01 8.71 16.99
C THR A 165 22.29 8.35 18.46
N GLU A 166 22.89 7.18 18.66
CA GLU A 166 23.29 6.68 19.99
C GLU A 166 24.40 7.52 20.66
N VAL A 167 25.13 8.30 19.85
CA VAL A 167 25.99 9.38 20.34
C VAL A 167 25.10 10.58 20.69
N LEU A 168 24.72 11.41 19.70
CA LEU A 168 23.86 12.60 19.90
C LEU A 168 22.62 12.23 20.73
N ILE B 1 -17.48 -1.44 15.92
CA ILE B 1 -18.78 -2.11 16.23
C ILE B 1 -18.97 -3.33 15.34
N ARG B 2 -18.91 -4.50 16.00
CA ARG B 2 -18.97 -5.81 15.36
C ARG B 2 -20.32 -6.50 15.68
N GLU B 3 -20.63 -7.57 14.95
CA GLU B 3 -21.89 -8.32 15.13
C GLU B 3 -21.90 -9.17 16.42
N ILE B 4 -22.81 -8.92 17.36
CA ILE B 4 -22.91 -9.80 18.53
C ILE B 4 -23.81 -10.98 18.22
N LEU B 5 -23.24 -12.17 18.28
CA LEU B 5 -23.99 -13.40 18.07
C LEU B 5 -24.99 -13.58 19.21
N LYS B 6 -26.09 -14.22 18.83
CA LYS B 6 -27.21 -14.47 19.71
C LYS B 6 -27.31 -15.98 19.93
N MET B 7 -27.74 -16.34 21.15
CA MET B 7 -27.82 -17.73 21.58
C MET B 7 -28.57 -18.56 20.56
N GLY B 8 -28.10 -19.78 20.33
CA GLY B 8 -28.58 -20.61 19.23
C GLY B 8 -27.59 -20.68 18.06
N ASP B 9 -26.80 -19.62 17.86
CA ASP B 9 -25.71 -19.71 16.89
C ASP B 9 -24.66 -20.74 17.33
N GLU B 10 -24.31 -21.59 16.37
CA GLU B 10 -23.36 -22.72 16.46
C GLU B 10 -21.94 -22.34 16.98
N ARG B 11 -21.55 -21.11 16.66
CA ARG B 11 -20.25 -20.57 17.01
C ARG B 11 -20.08 -20.33 18.51
N LEU B 12 -21.17 -20.01 19.23
CA LEU B 12 -21.08 -19.84 20.68
C LEU B 12 -20.81 -21.15 21.44
N LEU B 13 -20.76 -22.28 20.75
CA LEU B 13 -20.60 -23.60 21.37
C LEU B 13 -19.20 -24.22 21.30
N ARG B 14 -18.32 -23.69 20.44
CA ARG B 14 -16.93 -24.16 20.31
C ARG B 14 -16.09 -23.98 21.59
N ILE B 15 -15.10 -24.84 21.77
CA ILE B 15 -14.00 -24.52 22.69
C ILE B 15 -13.06 -23.62 21.90
N ALA B 16 -12.86 -22.38 22.38
CA ALA B 16 -12.03 -21.39 21.67
C ALA B 16 -10.55 -21.81 21.55
N GLN B 17 -9.92 -21.42 20.46
CA GLN B 17 -8.50 -21.70 20.27
C GLN B 17 -7.68 -20.74 21.16
N PRO B 18 -6.56 -21.22 21.74
CA PRO B 18 -5.70 -20.31 22.48
C PRO B 18 -5.05 -19.33 21.54
N VAL B 19 -4.83 -18.11 22.02
CA VAL B 19 -4.19 -17.07 21.23
C VAL B 19 -2.73 -17.52 21.14
N PRO B 20 -2.13 -17.44 19.96
CA PRO B 20 -0.76 -17.91 19.84
C PRO B 20 0.26 -16.81 20.19
N SER B 21 1.41 -17.21 20.72
CA SER B 21 2.45 -16.26 21.16
C SER B 21 2.84 -15.21 20.11
N GLU B 22 2.86 -15.62 18.85
CA GLU B 22 3.22 -14.74 17.73
C GLU B 22 2.37 -13.45 17.62
N LEU B 23 1.10 -13.53 18.00
CA LEU B 23 0.21 -12.35 17.91
C LEU B 23 0.31 -11.37 19.08
N LEU B 24 0.96 -11.79 20.18
CA LEU B 24 1.13 -10.98 21.39
C LEU B 24 1.81 -9.66 21.04
N GLY B 25 1.18 -8.56 21.42
CA GLY B 25 1.69 -7.26 21.10
C GLY B 25 1.54 -6.85 19.65
N SER B 26 0.72 -7.54 18.84
CA SER B 26 0.60 -7.20 17.40
C SER B 26 -0.47 -6.16 17.14
N GLU B 27 -0.34 -5.47 16.00
CA GLU B 27 -1.36 -4.53 15.51
C GLU B 27 -2.75 -5.17 15.37
N GLU B 28 -2.80 -6.43 14.93
CA GLU B 28 -4.04 -7.11 14.59
C GLU B 28 -4.77 -7.49 15.87
N LEU B 29 -4.03 -7.92 16.89
CA LEU B 29 -4.64 -8.12 18.22
C LEU B 29 -5.14 -6.78 18.82
N GLN B 30 -4.43 -5.69 18.59
CA GLN B 30 -4.88 -4.36 19.02
C GLN B 30 -6.15 -3.90 18.29
N ARG B 31 -6.28 -4.16 16.99
CA ARG B 31 -7.54 -3.85 16.28
C ARG B 31 -8.69 -4.60 16.93
N LEU B 32 -8.45 -5.86 17.26
CA LEU B 32 -9.47 -6.75 17.81
C LEU B 32 -9.90 -6.29 19.22
N ILE B 33 -8.94 -5.94 20.08
CA ILE B 33 -9.22 -5.41 21.42
C ILE B 33 -10.06 -4.11 21.31
N ASP B 34 -9.71 -3.21 20.40
CA ASP B 34 -10.42 -1.93 20.23
C ASP B 34 -11.85 -2.07 19.70
N ASP B 35 -12.01 -2.88 18.66
CA ASP B 35 -13.34 -3.29 18.21
C ASP B 35 -14.15 -3.81 19.41
N MET B 36 -13.56 -4.74 20.19
CA MET B 36 -14.23 -5.27 21.37
C MET B 36 -14.63 -4.20 22.39
N PHE B 37 -13.74 -3.27 22.70
CA PHE B 37 -14.10 -2.15 23.59
C PHE B 37 -15.19 -1.20 23.05
N GLU B 38 -15.20 -0.90 21.75
CA GLU B 38 -16.19 0.03 21.19
C GLU B 38 -17.59 -0.65 21.10
N THR B 39 -17.59 -1.95 20.79
CA THR B 39 -18.80 -2.75 20.73
C THR B 39 -19.44 -2.85 22.12
N MET B 40 -18.64 -3.27 23.10
CA MET B 40 -19.11 -3.43 24.48
C MET B 40 -19.60 -2.14 25.10
N HIS B 41 -18.88 -1.03 24.91
CA HIS B 41 -19.36 0.28 25.41
C HIS B 41 -20.65 0.68 24.67
N HIS B 42 -20.78 0.38 23.38
CA HIS B 42 -21.97 0.78 22.60
C HIS B 42 -23.28 0.17 23.11
N VAL B 43 -23.25 -1.10 23.49
CA VAL B 43 -24.42 -1.80 24.03
C VAL B 43 -24.51 -1.81 25.58
N GLY B 44 -23.70 -0.99 26.24
CA GLY B 44 -23.77 -0.83 27.69
C GLY B 44 -23.39 -2.00 28.59
N GLY B 45 -22.81 -3.07 28.04
CA GLY B 45 -22.43 -4.26 28.83
C GLY B 45 -21.14 -4.12 29.64
N VAL B 46 -20.92 -5.12 30.49
CA VAL B 46 -19.84 -5.14 31.48
C VAL B 46 -18.69 -6.08 31.11
N GLY B 47 -18.92 -7.08 30.25
CA GLY B 47 -17.87 -7.98 29.76
C GLY B 47 -18.16 -8.41 28.33
N LEU B 48 -17.22 -9.11 27.70
CA LEU B 48 -17.40 -9.58 26.32
C LEU B 48 -16.33 -10.60 25.97
N ALA B 49 -16.70 -11.72 25.37
CA ALA B 49 -15.71 -12.69 24.92
C ALA B 49 -15.55 -12.65 23.38
N ALA B 50 -14.43 -13.15 22.87
CA ALA B 50 -14.17 -13.10 21.42
C ALA B 50 -15.11 -13.99 20.62
N PRO B 51 -15.47 -15.18 21.14
CA PRO B 51 -16.42 -16.00 20.36
C PRO B 51 -17.76 -15.32 20.12
N GLN B 52 -18.18 -14.46 21.04
CA GLN B 52 -19.42 -13.72 20.89
C GLN B 52 -19.51 -12.77 19.70
N ILE B 53 -18.37 -12.39 19.12
CA ILE B 53 -18.38 -11.65 17.85
C ILE B 53 -17.76 -12.48 16.73
N GLY B 54 -17.77 -13.80 16.88
CA GLY B 54 -17.40 -14.69 15.79
C GLY B 54 -15.93 -14.85 15.53
N VAL B 55 -15.12 -14.70 16.59
CA VAL B 55 -13.67 -14.86 16.51
C VAL B 55 -13.30 -15.97 17.49
N ASP B 56 -12.64 -17.01 16.98
CA ASP B 56 -12.44 -18.26 17.74
C ASP B 56 -11.22 -18.24 18.68
N LEU B 57 -11.04 -17.16 19.47
CA LEU B 57 -9.82 -16.91 20.32
C LEU B 57 -10.10 -16.85 21.83
N GLN B 58 -9.19 -17.39 22.65
CA GLN B 58 -9.36 -17.26 24.10
C GLN B 58 -8.98 -15.82 24.57
N LEU B 59 -9.95 -14.92 24.49
CA LEU B 59 -9.70 -13.53 24.77
C LEU B 59 -11.01 -12.89 25.23
N VAL B 60 -10.98 -12.31 26.43
CA VAL B 60 -12.14 -11.65 27.01
C VAL B 60 -11.73 -10.30 27.46
N ILE B 61 -12.66 -9.37 27.51
CA ILE B 61 -12.43 -8.06 28.11
C ILE B 61 -13.51 -7.86 29.17
N PHE B 62 -13.27 -7.04 30.17
CA PHE B 62 -14.34 -6.68 31.14
C PHE B 62 -13.93 -5.47 31.93
N GLY B 63 -14.85 -4.93 32.73
CA GLY B 63 -14.61 -3.83 33.70
C GLY B 63 -15.76 -2.81 33.76
N PHE B 64 -16.06 -2.27 34.96
CA PHE B 64 -16.89 -1.03 35.07
C PHE B 64 -16.66 -0.22 36.36
N GLU B 65 -16.86 1.11 36.28
CA GLU B 65 -16.73 2.04 37.44
C GLU B 65 -18.06 2.37 38.14
N PRO B 74 -20.12 -1.42 42.99
CA PRO B 74 -19.07 -2.44 43.09
C PRO B 74 -18.22 -2.50 41.81
N ALA B 75 -17.12 -1.75 41.84
CA ALA B 75 -16.33 -1.49 40.63
C ALA B 75 -15.56 -2.73 40.24
N VAL B 76 -15.26 -2.85 38.96
CA VAL B 76 -14.40 -3.94 38.45
C VAL B 76 -13.42 -3.28 37.48
N PRO B 77 -12.11 -3.48 37.69
CA PRO B 77 -11.10 -2.79 36.89
C PRO B 77 -11.08 -3.27 35.45
N PRO B 78 -11.03 -2.34 34.48
CA PRO B 78 -10.93 -2.72 33.04
C PRO B 78 -9.72 -3.60 32.71
N THR B 79 -9.98 -4.80 32.24
CA THR B 79 -8.96 -5.81 32.06
C THR B 79 -9.13 -6.43 30.67
N ILE B 80 -7.99 -6.79 30.07
CA ILE B 80 -7.91 -7.63 28.87
C ILE B 80 -7.15 -8.89 29.25
N LEU B 81 -7.80 -10.04 29.15
CA LEU B 81 -7.23 -11.29 29.63
C LEU B 81 -7.21 -12.32 28.53
N LEU B 82 -6.05 -12.93 28.28
CA LEU B 82 -5.94 -13.94 27.23
C LEU B 82 -5.53 -15.26 27.84
N ASN B 83 -5.97 -16.34 27.19
CA ASN B 83 -5.62 -17.70 27.52
C ASN B 83 -5.77 -18.03 29.01
N PRO B 84 -6.94 -17.69 29.57
CA PRO B 84 -7.10 -17.69 31.03
C PRO B 84 -7.21 -19.04 31.68
N ARG B 85 -6.86 -19.12 32.97
CA ARG B 85 -7.12 -20.30 33.82
C ARG B 85 -7.66 -19.84 35.14
N ILE B 86 -8.81 -20.40 35.56
CA ILE B 86 -9.43 -20.07 36.83
C ILE B 86 -9.26 -21.22 37.80
N THR B 87 -8.99 -20.87 39.06
CA THR B 87 -8.93 -21.85 40.15
C THR B 87 -9.81 -21.36 41.31
N PRO B 88 -10.89 -22.08 41.63
CA PRO B 88 -11.62 -21.73 42.88
C PRO B 88 -10.72 -21.81 44.10
N LEU B 89 -10.87 -20.85 45.01
CA LEU B 89 -10.05 -20.79 46.22
C LEU B 89 -10.73 -21.44 47.42
N ASP B 90 -12.02 -21.65 47.36
CA ASP B 90 -12.69 -22.46 48.36
C ASP B 90 -14.03 -22.94 47.79
N ASP B 91 -14.81 -23.64 48.59
CA ASP B 91 -16.03 -24.31 48.11
C ASP B 91 -17.26 -23.38 48.12
N GLU B 92 -17.16 -22.20 48.72
CA GLU B 92 -18.31 -21.33 48.88
C GLU B 92 -18.83 -20.78 47.54
N MET B 93 -20.14 -20.94 47.36
CA MET B 93 -20.90 -20.53 46.17
C MET B 93 -21.77 -19.36 46.55
N GLU B 94 -22.06 -18.51 45.59
CA GLU B 94 -22.91 -17.36 45.84
C GLU B 94 -23.83 -17.14 44.64
N GLU B 95 -25.14 -17.14 44.90
CA GLU B 95 -26.19 -16.76 43.93
C GLU B 95 -26.09 -15.30 43.50
N GLY B 96 -26.39 -15.00 42.24
CA GLY B 96 -26.43 -13.60 41.78
C GLY B 96 -27.05 -13.45 40.42
N TRP B 97 -27.54 -12.25 40.11
CA TRP B 97 -28.23 -12.02 38.84
C TRP B 97 -27.24 -11.84 37.69
N GLU B 98 -27.48 -12.56 36.60
CA GLU B 98 -26.64 -12.49 35.44
C GLU B 98 -27.40 -12.09 34.18
N GLY B 99 -26.69 -11.44 33.27
CA GLY B 99 -27.19 -11.09 31.94
C GLY B 99 -26.11 -11.31 30.89
N CYS B 100 -26.47 -11.17 29.63
CA CYS B 100 -25.55 -11.46 28.55
C CYS B 100 -26.08 -10.77 27.31
N LEU B 101 -25.18 -10.21 26.53
CA LEU B 101 -25.57 -9.54 25.29
C LEU B 101 -25.93 -10.58 24.22
N SER B 102 -25.48 -11.82 24.41
CA SER B 102 -25.92 -12.98 23.58
C SER B 102 -27.31 -13.60 23.95
N VAL B 103 -27.95 -13.07 24.99
CA VAL B 103 -29.24 -13.54 25.50
C VAL B 103 -30.06 -12.26 25.75
N PRO B 104 -30.26 -11.43 24.70
CA PRO B 104 -30.92 -10.14 24.89
C PRO B 104 -32.32 -10.27 25.50
N GLY B 105 -32.70 -9.28 26.31
CA GLY B 105 -34.01 -9.24 26.94
C GLY B 105 -34.22 -10.10 28.18
N LEU B 106 -33.15 -10.75 28.67
CA LEU B 106 -33.28 -11.79 29.71
C LEU B 106 -32.33 -11.60 30.89
N ARG B 107 -32.77 -12.05 32.06
CA ARG B 107 -31.90 -12.21 33.23
C ARG B 107 -32.07 -13.59 33.86
N GLY B 108 -31.09 -14.05 34.62
CA GLY B 108 -31.23 -15.31 35.37
C GLY B 108 -30.32 -15.29 36.57
N ALA B 109 -30.71 -16.03 37.59
CA ALA B 109 -29.90 -16.25 38.78
C ALA B 109 -29.02 -17.48 38.57
N VAL B 110 -27.72 -17.34 38.88
CA VAL B 110 -26.71 -18.37 38.72
C VAL B 110 -25.84 -18.39 39.96
N SER B 111 -25.47 -19.61 40.40
CA SER B 111 -24.58 -19.76 41.52
C SER B 111 -23.18 -19.92 40.94
N ARG B 112 -22.25 -19.09 41.40
CA ARG B 112 -20.89 -19.14 40.92
C ARG B 112 -20.03 -19.22 42.16
N HIS B 113 -18.76 -19.60 41.98
CA HIS B 113 -17.74 -19.45 43.05
C HIS B 113 -17.55 -18.01 43.49
N ARG B 114 -17.49 -17.82 44.81
CA ARG B 114 -17.36 -16.50 45.43
C ARG B 114 -15.94 -15.93 45.31
N ARG B 115 -14.96 -16.81 45.52
CA ARG B 115 -13.55 -16.48 45.48
C ARG B 115 -12.82 -17.31 44.41
N ILE B 116 -12.10 -16.62 43.51
CA ILE B 116 -11.27 -17.30 42.54
C ILE B 116 -9.88 -16.71 42.41
N ARG B 117 -8.97 -17.55 41.97
CA ARG B 117 -7.68 -17.12 41.45
C ARG B 117 -7.78 -17.20 39.93
N TYR B 118 -7.37 -16.16 39.24
CA TYR B 118 -7.28 -16.29 37.79
C TYR B 118 -5.97 -15.84 37.22
N GLN B 119 -5.56 -16.51 36.15
CA GLN B 119 -4.23 -16.33 35.54
C GLN B 119 -4.36 -16.38 34.03
N GLY B 120 -3.44 -15.72 33.36
CA GLY B 120 -3.48 -15.61 31.91
C GLY B 120 -2.43 -14.63 31.46
N LEU B 121 -2.62 -14.08 30.27
CA LEU B 121 -1.70 -13.13 29.71
C LEU B 121 -2.42 -11.84 29.37
N ASP B 122 -1.73 -10.71 29.51
CA ASP B 122 -2.24 -9.43 28.95
C ASP B 122 -1.85 -9.39 27.45
N PRO B 123 -2.26 -8.35 26.70
CA PRO B 123 -2.05 -8.33 25.25
C PRO B 123 -0.61 -8.26 24.73
N GLN B 124 0.38 -7.99 25.60
CA GLN B 124 1.79 -7.98 25.21
C GLN B 124 2.56 -9.23 25.64
N GLY B 125 2.08 -9.97 26.62
CA GLY B 125 2.80 -11.15 27.10
C GLY B 125 3.02 -11.16 28.58
N GLN B 126 2.77 -10.04 29.27
CA GLN B 126 2.99 -9.95 30.73
C GLN B 126 1.99 -10.88 31.40
N PRO B 127 2.45 -11.76 32.31
CA PRO B 127 1.53 -12.59 33.09
C PRO B 127 0.57 -11.81 33.99
N ILE B 128 -0.69 -12.27 34.06
CA ILE B 128 -1.67 -11.84 35.06
C ILE B 128 -1.85 -12.99 36.05
N ASP B 129 -2.11 -12.66 37.31
CA ASP B 129 -2.38 -13.61 38.39
C ASP B 129 -3.00 -12.84 39.56
N ARG B 130 -4.33 -12.85 39.62
CA ARG B 130 -5.10 -12.07 40.62
C ARG B 130 -5.95 -13.01 41.42
N SER B 131 -6.21 -12.68 42.67
CA SER B 131 -7.16 -13.38 43.49
C SER B 131 -8.24 -12.37 43.82
N VAL B 132 -9.49 -12.68 43.48
CA VAL B 132 -10.61 -11.74 43.56
C VAL B 132 -11.80 -12.40 44.15
N GLU B 133 -12.78 -11.59 44.55
CA GLU B 133 -14.02 -12.09 45.11
C GLU B 133 -15.27 -11.31 44.66
N GLY B 134 -16.45 -11.82 45.03
CA GLY B 134 -17.72 -11.15 44.82
C GLY B 134 -17.98 -10.92 43.34
N PHE B 135 -18.44 -9.74 43.00
CA PHE B 135 -18.83 -9.48 41.60
C PHE B 135 -17.70 -9.65 40.56
N HIS B 136 -16.49 -9.22 40.95
CA HIS B 136 -15.31 -9.37 40.09
C HIS B 136 -15.13 -10.86 39.75
N ALA B 137 -15.12 -11.71 40.76
CA ALA B 137 -15.01 -13.15 40.57
C ALA B 137 -16.10 -13.66 39.65
N ARG B 138 -17.31 -13.13 39.81
CA ARG B 138 -18.45 -13.55 39.00
C ARG B 138 -18.28 -13.12 37.53
N VAL B 139 -17.80 -11.92 37.26
CA VAL B 139 -17.66 -11.48 35.86
C VAL B 139 -16.63 -12.38 35.13
N VAL B 140 -15.61 -12.86 35.85
CA VAL B 140 -14.53 -13.58 35.19
C VAL B 140 -14.98 -15.00 34.85
N GLN B 141 -15.56 -15.69 35.85
CA GLN B 141 -16.30 -16.93 35.63
C GLN B 141 -17.21 -16.90 34.41
N HIS B 142 -18.13 -15.96 34.38
CA HIS B 142 -19.11 -15.83 33.32
C HIS B 142 -18.47 -15.67 31.95
N GLU B 143 -17.46 -14.81 31.90
CA GLU B 143 -16.78 -14.51 30.65
C GLU B 143 -15.91 -15.66 30.19
N CYS B 144 -15.35 -16.44 31.13
CA CYS B 144 -14.52 -17.60 30.77
C CYS B 144 -15.36 -18.81 30.36
N ASP B 145 -16.61 -18.89 30.82
CA ASP B 145 -17.57 -19.86 30.28
C ASP B 145 -17.80 -19.72 28.77
N HIS B 146 -17.80 -18.51 28.25
CA HIS B 146 -17.87 -18.33 26.77
C HIS B 146 -16.71 -18.91 25.98
N LEU B 147 -15.57 -19.15 26.62
CA LEU B 147 -14.41 -19.79 25.97
C LEU B 147 -14.49 -21.33 26.01
N ILE B 148 -15.56 -21.87 26.59
CA ILE B 148 -15.79 -23.31 26.59
C ILE B 148 -17.21 -23.65 26.09
N GLY B 149 -17.80 -22.76 25.32
CA GLY B 149 -19.08 -23.03 24.67
C GLY B 149 -20.30 -23.07 25.58
N ARG B 150 -20.24 -22.33 26.70
CA ARG B 150 -21.27 -22.33 27.73
C ARG B 150 -21.81 -20.93 27.91
N LEU B 151 -23.15 -20.79 27.85
CA LEU B 151 -23.85 -19.58 28.24
C LEU B 151 -24.59 -19.83 29.56
N TYR B 152 -25.03 -18.76 30.23
CA TYR B 152 -25.46 -18.86 31.62
C TYR B 152 -26.72 -19.70 31.86
N PRO B 153 -27.69 -19.70 30.91
CA PRO B 153 -28.80 -20.68 31.08
C PRO B 153 -28.39 -22.13 31.41
N SER B 154 -27.33 -22.64 30.77
CA SER B 154 -26.82 -24.00 31.12
C SER B 154 -26.17 -24.13 32.53
N ARG B 155 -26.14 -23.04 33.30
CA ARG B 155 -25.60 -23.04 34.64
C ARG B 155 -26.67 -22.84 35.68
N ILE B 156 -27.83 -22.31 35.28
CA ILE B 156 -28.96 -22.03 36.19
C ILE B 156 -29.39 -23.30 36.93
N THR B 157 -29.56 -23.20 38.24
CA THR B 157 -30.11 -24.31 39.04
C THR B 157 -31.54 -24.06 39.44
N ASP B 158 -31.90 -22.81 39.67
CA ASP B 158 -33.23 -22.45 40.11
C ASP B 158 -33.93 -21.69 38.97
N PHE B 159 -34.81 -22.42 38.26
CA PHE B 159 -35.51 -21.85 37.14
C PHE B 159 -36.69 -20.96 37.52
N SER B 160 -37.04 -20.93 38.80
CA SER B 160 -37.96 -19.91 39.28
C SER B 160 -37.41 -18.48 39.05
N LYS B 161 -36.09 -18.34 38.94
CA LYS B 161 -35.47 -17.02 38.81
C LYS B 161 -34.84 -16.78 37.40
N PHE B 162 -35.53 -17.24 36.37
CA PHE B 162 -35.10 -17.03 34.99
C PHE B 162 -36.29 -16.41 34.27
N GLY B 163 -36.14 -15.21 33.74
CA GLY B 163 -37.18 -14.67 32.92
C GLY B 163 -36.81 -13.43 32.16
N PHE B 164 -37.82 -12.81 31.57
CA PHE B 164 -37.61 -11.57 30.83
C PHE B 164 -37.41 -10.39 31.80
N THR B 165 -36.56 -9.47 31.36
CA THR B 165 -36.10 -8.38 32.22
C THR B 165 -37.20 -7.37 32.56
N GLU B 166 -38.05 -7.04 31.60
CA GLU B 166 -39.28 -6.28 31.87
C GLU B 166 -40.13 -6.92 32.98
N VAL B 167 -40.19 -8.25 33.06
CA VAL B 167 -41.11 -8.93 33.98
C VAL B 167 -40.49 -9.00 35.38
N LEU B 168 -39.23 -9.45 35.45
CA LEU B 168 -38.45 -9.36 36.70
C LEU B 168 -37.79 -8.00 36.76
N ILE C 1 28.08 10.87 -35.98
CA ILE C 1 26.67 11.16 -36.36
C ILE C 1 25.77 10.04 -35.89
N ARG C 2 25.15 10.25 -34.74
CA ARG C 2 24.14 9.35 -34.22
C ARG C 2 22.77 9.67 -34.84
N GLU C 3 21.82 8.73 -34.73
CA GLU C 3 20.51 8.86 -35.37
C GLU C 3 19.49 9.46 -34.38
N ILE C 4 18.62 10.34 -34.89
CA ILE C 4 17.70 11.14 -34.07
C ILE C 4 16.39 10.40 -33.84
N LEU C 5 16.02 10.25 -32.57
CA LEU C 5 14.82 9.53 -32.24
C LEU C 5 13.56 10.31 -32.63
N LYS C 6 12.56 9.58 -33.12
CA LYS C 6 11.32 10.15 -33.60
C LYS C 6 10.23 10.02 -32.51
N MET C 7 9.43 11.09 -32.34
CA MET C 7 8.23 11.10 -31.46
C MET C 7 7.45 9.81 -31.55
N GLY C 8 7.06 9.31 -30.37
CA GLY C 8 6.52 7.98 -30.22
C GLY C 8 7.43 7.07 -29.44
N ASP C 9 8.75 7.26 -29.58
CA ASP C 9 9.75 6.47 -28.86
C ASP C 9 9.69 6.81 -27.37
N GLU C 10 9.69 5.77 -26.53
CA GLU C 10 9.54 5.93 -25.09
C GLU C 10 10.70 6.71 -24.43
N ARG C 11 11.89 6.73 -25.05
CA ARG C 11 13.08 7.47 -24.51
C ARG C 11 13.03 8.99 -24.65
N LEU C 12 12.19 9.52 -25.55
CA LEU C 12 11.90 10.94 -25.61
C LEU C 12 10.93 11.39 -24.51
N LEU C 13 10.25 10.42 -23.88
CA LEU C 13 9.40 10.64 -22.71
C LEU C 13 10.05 10.37 -21.36
N ARG C 14 11.33 10.00 -21.29
CA ARG C 14 12.02 9.86 -20.00
C ARG C 14 12.31 11.26 -19.42
N ILE C 15 12.34 11.41 -18.09
CA ILE C 15 13.07 12.54 -17.51
C ILE C 15 14.55 12.15 -17.49
N ALA C 16 15.40 13.10 -17.85
CA ALA C 16 16.81 12.84 -18.02
C ALA C 16 17.54 12.96 -16.72
N GLN C 17 18.60 12.16 -16.61
CA GLN C 17 19.46 12.17 -15.45
C GLN C 17 20.48 13.32 -15.53
N PRO C 18 20.83 13.90 -14.36
CA PRO C 18 21.84 14.92 -14.35
C PRO C 18 23.25 14.38 -14.64
N VAL C 19 24.06 15.25 -15.22
CA VAL C 19 25.45 15.00 -15.52
C VAL C 19 26.18 14.84 -14.17
N PRO C 20 26.72 13.63 -13.89
CA PRO C 20 27.40 13.42 -12.61
C PRO C 20 28.72 14.12 -12.64
N SER C 21 29.14 14.65 -11.49
CA SER C 21 30.31 15.55 -11.39
C SER C 21 31.60 14.85 -11.84
N GLU C 22 31.66 13.53 -11.74
CA GLU C 22 32.82 12.79 -12.26
C GLU C 22 33.08 13.04 -13.76
N LEU C 23 32.03 13.22 -14.57
CA LEU C 23 32.16 13.39 -16.04
C LEU C 23 32.51 14.83 -16.50
N LEU C 24 32.47 15.79 -15.57
CA LEU C 24 32.84 17.15 -15.91
C LEU C 24 34.34 17.24 -16.19
N GLY C 25 34.70 17.81 -17.34
CA GLY C 25 36.08 17.96 -17.76
C GLY C 25 36.59 16.79 -18.58
N SER C 26 35.84 15.70 -18.62
CA SER C 26 36.35 14.44 -19.13
C SER C 26 36.35 14.37 -20.66
N GLU C 27 37.28 13.59 -21.19
CA GLU C 27 37.19 13.16 -22.57
C GLU C 27 35.83 12.51 -22.90
N GLU C 28 35.34 11.60 -22.05
CA GLU C 28 34.03 10.91 -22.29
C GLU C 28 32.92 11.90 -22.76
N LEU C 29 32.75 12.99 -22.01
CA LEU C 29 31.73 13.99 -22.25
C LEU C 29 31.98 14.85 -23.49
N GLN C 30 33.22 15.29 -23.60
CA GLN C 30 33.72 15.93 -24.78
C GLN C 30 33.34 15.16 -26.03
N ARG C 31 33.30 13.82 -25.97
CA ARG C 31 33.02 12.97 -27.17
C ARG C 31 31.53 12.97 -27.46
N LEU C 32 30.75 13.02 -26.40
CA LEU C 32 29.32 13.22 -26.50
C LEU C 32 29.05 14.58 -27.14
N ILE C 33 29.73 15.63 -26.65
CA ILE C 33 29.48 16.99 -27.15
C ILE C 33 29.73 16.97 -28.67
N ASP C 34 30.89 16.46 -29.10
CA ASP C 34 31.26 16.42 -30.52
C ASP C 34 30.32 15.54 -31.34
N ASP C 35 29.93 14.37 -30.82
CA ASP C 35 28.87 13.56 -31.47
C ASP C 35 27.62 14.43 -31.72
N MET C 36 27.27 15.25 -30.75
CA MET C 36 26.04 16.02 -30.82
C MET C 36 26.16 17.15 -31.81
N PHE C 37 27.27 17.88 -31.79
CA PHE C 37 27.47 18.95 -32.76
C PHE C 37 27.54 18.43 -34.19
N GLU C 38 28.16 17.27 -34.36
CA GLU C 38 28.31 16.68 -35.67
C GLU C 38 26.95 16.35 -36.25
N THR C 39 26.08 15.74 -35.43
CA THR C 39 24.69 15.38 -35.83
C THR C 39 23.78 16.61 -36.10
N MET C 40 23.77 17.55 -35.16
CA MET C 40 22.98 18.77 -35.30
C MET C 40 23.39 19.63 -36.49
N HIS C 41 24.69 19.75 -36.74
CA HIS C 41 25.19 20.46 -37.93
C HIS C 41 24.72 19.75 -39.23
N HIS C 42 24.90 18.41 -39.31
CA HIS C 42 24.54 17.57 -40.48
C HIS C 42 23.09 17.68 -40.95
N VAL C 43 22.16 17.58 -40.01
CA VAL C 43 20.73 17.64 -40.32
C VAL C 43 20.18 19.05 -40.39
N GLY C 44 21.04 20.08 -40.33
CA GLY C 44 20.59 21.48 -40.43
C GLY C 44 19.96 22.07 -39.17
N GLY C 45 20.20 21.44 -38.01
CA GLY C 45 19.52 21.77 -36.77
C GLY C 45 20.05 23.00 -36.05
N VAL C 46 19.18 23.62 -35.28
CA VAL C 46 19.45 24.85 -34.52
C VAL C 46 19.72 24.48 -33.03
N GLY C 47 18.97 23.48 -32.53
CA GLY C 47 19.26 22.84 -31.26
C GLY C 47 19.27 21.31 -31.30
N LEU C 48 19.73 20.70 -30.20
CA LEU C 48 19.70 19.25 -29.98
C LEU C 48 19.86 18.99 -28.49
N ALA C 49 19.07 18.07 -27.96
CA ALA C 49 19.23 17.65 -26.56
C ALA C 49 19.72 16.21 -26.54
N ALA C 50 20.35 15.80 -25.44
CA ALA C 50 20.96 14.47 -25.38
C ALA C 50 19.98 13.32 -25.54
N PRO C 51 18.78 13.41 -24.90
CA PRO C 51 17.76 12.37 -25.09
C PRO C 51 17.40 12.05 -26.53
N GLN C 52 17.43 13.03 -27.42
CA GLN C 52 17.07 12.85 -28.83
C GLN C 52 18.01 11.94 -29.63
N ILE C 53 19.22 11.70 -29.14
CA ILE C 53 20.11 10.66 -29.70
C ILE C 53 20.26 9.50 -28.72
N GLY C 54 19.29 9.31 -27.87
CA GLY C 54 19.23 8.16 -26.97
C GLY C 54 20.21 8.16 -25.83
N VAL C 55 20.63 9.34 -25.36
CA VAL C 55 21.49 9.42 -24.21
C VAL C 55 20.73 10.14 -23.09
N ASP C 56 20.61 9.48 -21.93
CA ASP C 56 19.73 9.89 -20.84
C ASP C 56 20.40 10.90 -19.90
N LEU C 57 20.80 12.06 -20.45
CA LEU C 57 21.50 13.08 -19.67
C LEU C 57 21.01 14.50 -19.89
N GLN C 58 21.08 15.30 -18.83
CA GLN C 58 20.65 16.69 -18.86
C GLN C 58 21.71 17.54 -19.54
N LEU C 59 21.66 17.57 -20.85
CA LEU C 59 22.74 18.15 -21.59
C LEU C 59 22.17 18.60 -22.96
N VAL C 60 22.27 19.89 -23.25
CA VAL C 60 21.72 20.44 -24.49
C VAL C 60 22.73 21.30 -25.19
N ILE C 61 22.64 21.36 -26.51
CA ILE C 61 23.44 22.34 -27.25
C ILE C 61 22.52 23.18 -28.15
N PHE C 62 22.88 24.42 -28.40
CA PHE C 62 22.16 25.26 -29.39
C PHE C 62 23.04 26.43 -29.90
N GLY C 63 22.66 27.03 -31.03
CA GLY C 63 23.49 28.04 -31.70
C GLY C 63 22.94 28.33 -33.08
N PHE C 64 23.18 29.54 -33.60
CA PHE C 64 22.66 29.94 -34.93
C PHE C 64 23.23 31.28 -35.39
N GLU C 65 23.45 31.42 -36.69
CA GLU C 65 23.50 32.73 -37.39
C GLU C 65 22.71 32.64 -38.70
N PRO C 74 18.19 36.89 -36.25
CA PRO C 74 17.82 36.56 -34.83
C PRO C 74 18.82 35.54 -34.24
N ALA C 75 20.07 35.96 -34.11
CA ALA C 75 21.21 35.08 -33.83
C ALA C 75 21.25 34.58 -32.37
N VAL C 76 21.75 33.36 -32.18
CA VAL C 76 21.87 32.74 -30.84
C VAL C 76 23.28 32.21 -30.73
N PRO C 77 24.00 32.55 -29.63
CA PRO C 77 25.40 32.16 -29.48
C PRO C 77 25.60 30.67 -29.19
N PRO C 78 26.49 30.00 -29.93
CA PRO C 78 26.76 28.57 -29.67
C PRO C 78 26.99 28.27 -28.19
N THR C 79 26.21 27.36 -27.61
CA THR C 79 26.18 27.18 -26.15
C THR C 79 26.00 25.69 -25.83
N ILE C 80 26.66 25.22 -24.78
CA ILE C 80 26.58 23.86 -24.29
C ILE C 80 26.18 23.95 -22.84
N LEU C 81 25.00 23.41 -22.51
CA LEU C 81 24.40 23.70 -21.22
C LEU C 81 24.01 22.45 -20.48
N LEU C 82 24.63 22.24 -19.33
CA LEU C 82 24.40 21.06 -18.54
C LEU C 82 23.58 21.40 -17.33
N ASN C 83 22.80 20.41 -16.89
CA ASN C 83 22.02 20.43 -15.64
C ASN C 83 21.15 21.68 -15.49
N PRO C 84 20.38 22.03 -16.53
CA PRO C 84 19.75 23.35 -16.55
C PRO C 84 18.65 23.57 -15.53
N ARG C 85 18.41 24.85 -15.24
CA ARG C 85 17.33 25.31 -14.38
C ARG C 85 16.80 26.62 -14.99
N ILE C 86 15.49 26.71 -15.17
CA ILE C 86 14.90 27.88 -15.83
C ILE C 86 13.93 28.57 -14.88
N THR C 87 13.99 29.90 -14.80
CA THR C 87 13.01 30.69 -14.07
C THR C 87 12.42 31.75 -14.98
N PRO C 88 11.08 31.75 -15.17
CA PRO C 88 10.47 32.84 -15.91
C PRO C 88 10.66 34.15 -15.21
N LEU C 89 11.05 35.18 -15.95
CA LEU C 89 11.25 36.52 -15.37
C LEU C 89 9.95 37.34 -15.26
N ASP C 90 8.89 36.90 -15.92
CA ASP C 90 7.54 37.50 -15.80
C ASP C 90 6.46 36.56 -16.36
N ASP C 91 5.19 37.00 -16.28
CA ASP C 91 4.06 36.26 -16.89
C ASP C 91 3.95 36.49 -18.41
N GLU C 92 4.64 37.48 -18.99
CA GLU C 92 4.43 37.79 -20.40
C GLU C 92 4.84 36.61 -21.30
N MET C 93 3.92 36.21 -22.17
CA MET C 93 4.08 35.08 -23.11
C MET C 93 4.09 35.61 -24.54
N GLU C 94 4.51 34.75 -25.45
CA GLU C 94 4.78 35.12 -26.82
C GLU C 94 4.62 33.89 -27.69
N GLU C 95 3.89 34.01 -28.80
CA GLU C 95 3.69 32.91 -29.70
C GLU C 95 4.68 32.99 -30.83
N GLY C 96 5.25 31.85 -31.20
CA GLY C 96 6.07 31.74 -32.37
C GLY C 96 6.02 30.34 -32.90
N TRP C 97 6.52 30.15 -34.12
CA TRP C 97 6.72 28.82 -34.72
C TRP C 97 7.78 28.02 -34.00
N GLU C 98 7.70 26.72 -34.15
CA GLU C 98 8.66 25.78 -33.61
C GLU C 98 8.58 24.54 -34.48
N GLY C 99 9.69 23.87 -34.62
CA GLY C 99 9.77 22.63 -35.35
C GLY C 99 10.72 21.79 -34.55
N CYS C 100 10.83 20.51 -34.87
CA CYS C 100 11.74 19.70 -34.13
C CYS C 100 12.19 18.56 -34.99
N LEU C 101 13.47 18.25 -34.90
CA LEU C 101 14.08 17.14 -35.61
C LEU C 101 13.46 15.80 -35.25
N SER C 102 12.98 15.65 -34.01
CA SER C 102 12.23 14.46 -33.58
C SER C 102 10.78 14.37 -34.14
N VAL C 103 10.28 15.48 -34.72
CA VAL C 103 8.90 15.61 -35.21
C VAL C 103 8.94 16.04 -36.69
N PRO C 104 9.53 15.19 -37.56
CA PRO C 104 9.80 15.58 -38.96
C PRO C 104 8.55 15.88 -39.73
N GLY C 105 8.62 16.86 -40.61
CA GLY C 105 7.50 17.22 -41.50
C GLY C 105 6.43 18.11 -40.88
N LEU C 106 6.66 18.68 -39.69
CA LEU C 106 5.63 19.42 -38.96
C LEU C 106 6.10 20.75 -38.37
N ARG C 107 5.17 21.71 -38.29
CA ARG C 107 5.41 22.98 -37.58
C ARG C 107 4.30 23.20 -36.61
N GLY C 108 4.55 24.00 -35.61
CA GLY C 108 3.50 24.35 -34.67
C GLY C 108 3.76 25.66 -34.01
N ALA C 109 2.70 26.41 -33.80
CA ALA C 109 2.75 27.63 -33.07
C ALA C 109 2.65 27.34 -31.58
N VAL C 110 3.60 27.87 -30.80
CA VAL C 110 3.67 27.64 -29.36
C VAL C 110 3.86 28.94 -28.56
N SER C 111 3.22 29.00 -27.40
CA SER C 111 3.31 30.13 -26.48
C SER C 111 4.37 29.82 -25.47
N ARG C 112 5.35 30.72 -25.36
CA ARG C 112 6.51 30.52 -24.48
C ARG C 112 6.66 31.79 -23.66
N HIS C 113 7.39 31.68 -22.56
CA HIS C 113 7.84 32.87 -21.84
C HIS C 113 8.71 33.73 -22.74
N ARG C 114 8.47 35.03 -22.71
CA ARG C 114 9.30 35.96 -23.43
C ARG C 114 10.67 36.14 -22.75
N ARG C 115 10.71 36.00 -21.43
CA ARG C 115 11.86 36.33 -20.63
C ARG C 115 12.08 35.26 -19.59
N ILE C 116 13.30 34.75 -19.61
CA ILE C 116 13.75 33.75 -18.71
C ILE C 116 15.16 34.09 -18.22
N ARG C 117 15.44 33.64 -17.00
CA ARG C 117 16.78 33.41 -16.53
C ARG C 117 17.05 31.91 -16.75
N TYR C 118 18.23 31.55 -17.22
CA TYR C 118 18.63 30.13 -17.16
C TYR C 118 19.98 29.97 -16.60
N GLN C 119 20.14 28.87 -15.87
CA GLN C 119 21.40 28.57 -15.26
C GLN C 119 21.71 27.05 -15.29
N GLY C 120 22.96 26.70 -15.01
CA GLY C 120 23.46 25.36 -15.19
C GLY C 120 24.97 25.38 -15.18
N LEU C 121 25.60 24.42 -15.86
CA LEU C 121 27.07 24.28 -15.92
C LEU C 121 27.54 24.21 -17.37
N ASP C 122 28.77 24.67 -17.63
CA ASP C 122 29.43 24.44 -18.93
C ASP C 122 30.09 23.05 -18.86
N PRO C 123 30.74 22.60 -19.97
CA PRO C 123 31.42 21.29 -20.00
C PRO C 123 32.41 21.05 -18.86
N GLN C 124 33.12 22.11 -18.44
CA GLN C 124 34.12 22.01 -17.38
C GLN C 124 33.61 22.24 -15.97
N GLY C 125 32.32 22.36 -15.74
CA GLY C 125 31.84 22.71 -14.38
C GLY C 125 31.71 24.20 -13.99
N GLN C 126 32.01 25.12 -14.92
CA GLN C 126 31.88 26.56 -14.66
C GLN C 126 30.40 26.94 -14.65
N PRO C 127 29.95 27.77 -13.67
CA PRO C 127 28.52 28.15 -13.63
C PRO C 127 28.09 29.11 -14.73
N ILE C 128 26.92 28.83 -15.31
CA ILE C 128 26.27 29.69 -16.29
C ILE C 128 25.02 30.31 -15.64
N ASP C 129 24.78 31.59 -15.94
CA ASP C 129 23.65 32.36 -15.41
C ASP C 129 23.36 33.50 -16.39
N ARG C 130 22.31 33.36 -17.20
CA ARG C 130 22.02 34.34 -18.24
C ARG C 130 20.55 34.70 -18.21
N SER C 131 20.23 35.98 -18.44
CA SER C 131 18.85 36.44 -18.64
C SER C 131 18.72 36.82 -20.10
N VAL C 132 17.68 36.32 -20.78
CA VAL C 132 17.53 36.46 -22.21
C VAL C 132 16.06 36.64 -22.56
N GLU C 133 15.81 37.01 -23.81
CA GLU C 133 14.47 37.19 -24.31
C GLU C 133 14.36 36.82 -25.78
N GLY C 134 13.11 36.69 -26.24
CA GLY C 134 12.83 36.50 -27.64
C GLY C 134 13.29 35.12 -28.01
N PHE C 135 13.82 35.00 -29.22
CA PHE C 135 14.16 33.71 -29.81
C PHE C 135 15.13 32.91 -28.97
N HIS C 136 16.09 33.58 -28.32
CA HIS C 136 17.05 32.91 -27.42
C HIS C 136 16.27 32.23 -26.28
N ALA C 137 15.29 32.91 -25.73
CA ALA C 137 14.50 32.36 -24.63
C ALA C 137 13.64 31.21 -25.10
N ARG C 138 13.25 31.24 -26.36
CA ARG C 138 12.40 30.18 -26.93
C ARG C 138 13.19 28.87 -27.00
N VAL C 139 14.39 28.95 -27.57
CA VAL C 139 15.20 27.79 -27.91
C VAL C 139 15.65 27.08 -26.67
N VAL C 140 15.96 27.85 -25.66
CA VAL C 140 16.38 27.23 -24.42
C VAL C 140 15.21 26.51 -23.79
N GLN C 141 14.02 27.12 -23.86
CA GLN C 141 12.77 26.49 -23.33
C GLN C 141 12.41 25.20 -24.09
N HIS C 142 12.43 25.27 -25.41
CA HIS C 142 12.29 24.12 -26.28
C HIS C 142 13.26 23.00 -25.91
N GLU C 143 14.55 23.32 -25.81
CA GLU C 143 15.57 22.33 -25.54
C GLU C 143 15.48 21.68 -24.18
N CYS C 144 15.28 22.46 -23.14
CA CYS C 144 15.07 21.94 -21.76
C CYS C 144 13.75 21.17 -21.55
N ASP C 145 12.76 21.36 -22.44
CA ASP C 145 11.54 20.53 -22.43
C ASP C 145 11.86 19.05 -22.70
N HIS C 146 12.79 18.76 -23.62
CA HIS C 146 13.31 17.36 -23.87
C HIS C 146 13.92 16.67 -22.65
N LEU C 147 14.53 17.41 -21.78
CA LEU C 147 15.10 16.80 -20.59
C LEU C 147 14.01 16.40 -19.59
N ILE C 148 12.75 16.83 -19.83
CA ILE C 148 11.57 16.41 -19.01
C ILE C 148 10.48 15.61 -19.78
N GLY C 149 10.86 15.09 -20.93
CA GLY C 149 9.99 14.23 -21.67
C GLY C 149 8.86 14.90 -22.40
N ARG C 150 9.00 16.19 -22.68
CA ARG C 150 7.97 16.97 -23.37
C ARG C 150 8.43 17.44 -24.73
N LEU C 151 7.55 17.32 -25.70
CA LEU C 151 7.81 17.83 -27.03
C LEU C 151 6.80 18.90 -27.34
N TYR C 152 7.06 19.68 -28.38
CA TYR C 152 6.29 20.90 -28.61
C TYR C 152 4.76 20.65 -28.79
N PRO C 153 4.34 19.56 -29.47
CA PRO C 153 2.89 19.25 -29.47
C PRO C 153 2.22 19.28 -28.09
N SER C 154 2.90 18.81 -27.05
CA SER C 154 2.33 18.79 -25.72
C SER C 154 2.22 20.18 -25.08
N ARG C 155 2.66 21.21 -25.79
CA ARG C 155 2.61 22.59 -25.32
C ARG C 155 1.69 23.44 -26.18
N ILE C 156 1.19 22.93 -27.31
CA ILE C 156 0.32 23.70 -28.21
C ILE C 156 -1.01 23.86 -27.50
N THR C 157 -1.53 25.07 -27.54
CA THR C 157 -2.88 25.40 -27.06
C THR C 157 -3.79 26.02 -28.16
N ASP C 158 -3.25 26.46 -29.31
CA ASP C 158 -4.04 26.79 -30.49
C ASP C 158 -3.72 25.80 -31.63
N PHE C 159 -4.56 24.77 -31.77
CA PHE C 159 -4.31 23.76 -32.76
C PHE C 159 -4.66 24.13 -34.21
N SER C 160 -5.02 25.37 -34.50
CA SER C 160 -5.24 25.79 -35.91
C SER C 160 -3.94 26.00 -36.64
N LYS C 161 -2.89 26.24 -35.86
CA LYS C 161 -1.55 26.49 -36.37
C LYS C 161 -0.68 25.21 -36.43
N PHE C 162 -1.19 24.08 -35.97
CA PHE C 162 -0.47 22.82 -36.03
C PHE C 162 -0.70 22.10 -37.37
N GLY C 163 0.38 21.81 -38.09
CA GLY C 163 0.21 21.17 -39.39
C GLY C 163 1.46 20.80 -40.15
N PHE C 164 1.25 20.10 -41.27
CA PHE C 164 2.35 19.57 -42.08
C PHE C 164 3.04 20.69 -42.81
N THR C 165 4.36 20.59 -42.94
CA THR C 165 5.16 21.73 -43.36
C THR C 165 4.93 22.15 -44.83
N GLU C 166 4.77 21.14 -45.72
CA GLU C 166 4.37 21.36 -47.13
C GLU C 166 3.03 22.12 -47.25
N VAL C 167 2.13 21.91 -46.29
CA VAL C 167 0.90 22.67 -46.12
C VAL C 167 1.25 23.83 -45.21
N ILE D 1 -9.96 -32.88 9.07
CA ILE D 1 -11.18 -32.74 8.22
C ILE D 1 -12.17 -31.77 8.87
N ARG D 2 -12.48 -30.70 8.13
CA ARG D 2 -13.24 -29.56 8.61
C ARG D 2 -14.53 -29.42 7.78
N GLU D 3 -15.51 -28.69 8.32
CA GLU D 3 -16.84 -28.52 7.66
C GLU D 3 -16.83 -27.50 6.50
N ILE D 4 -17.29 -27.91 5.31
CA ILE D 4 -17.27 -27.02 4.14
C ILE D 4 -18.56 -26.22 4.07
N LEU D 5 -18.45 -24.91 4.16
CA LEU D 5 -19.62 -24.05 4.12
C LEU D 5 -20.25 -24.08 2.73
N LYS D 6 -21.58 -24.11 2.74
CA LYS D 6 -22.38 -24.15 1.53
C LYS D 6 -22.92 -22.76 1.16
N MET D 7 -22.96 -22.49 -0.14
CA MET D 7 -23.51 -21.25 -0.69
C MET D 7 -24.82 -20.79 -0.02
N GLY D 8 -24.86 -19.53 0.44
CA GLY D 8 -25.97 -19.02 1.26
C GLY D 8 -25.50 -18.59 2.65
N ASP D 9 -24.54 -19.32 3.21
CA ASP D 9 -23.86 -18.86 4.42
C ASP D 9 -23.16 -17.53 4.17
N GLU D 10 -23.43 -16.55 5.04
CA GLU D 10 -22.99 -15.15 4.86
C GLU D 10 -21.47 -14.95 5.11
N ARG D 11 -20.84 -15.94 5.75
CA ARG D 11 -19.39 -16.04 5.86
C ARG D 11 -18.66 -16.18 4.50
N LEU D 12 -19.30 -16.74 3.48
CA LEU D 12 -18.68 -16.76 2.16
C LEU D 12 -18.73 -15.41 1.45
N LEU D 13 -19.34 -14.40 2.06
CA LEU D 13 -19.50 -13.07 1.40
C LEU D 13 -18.53 -11.96 1.89
N ARG D 14 -17.81 -12.22 2.98
CA ARG D 14 -16.82 -11.28 3.56
C ARG D 14 -15.61 -11.11 2.65
N ILE D 15 -14.97 -9.96 2.74
CA ILE D 15 -13.62 -9.79 2.16
C ILE D 15 -12.64 -10.33 3.19
N ALA D 16 -11.83 -11.32 2.83
CA ALA D 16 -10.96 -11.98 3.81
C ALA D 16 -9.85 -11.06 4.34
N GLN D 17 -9.46 -11.30 5.60
CA GLN D 17 -8.40 -10.52 6.24
C GLN D 17 -7.05 -11.04 5.74
N PRO D 18 -6.05 -10.15 5.52
CA PRO D 18 -4.71 -10.63 5.21
C PRO D 18 -4.10 -11.35 6.37
N VAL D 19 -3.31 -12.38 6.08
CA VAL D 19 -2.61 -13.18 7.09
C VAL D 19 -1.51 -12.27 7.60
N PRO D 20 -1.40 -12.11 8.93
CA PRO D 20 -0.38 -11.21 9.43
C PRO D 20 1.02 -11.83 9.38
N SER D 21 2.03 -11.00 9.11
CA SER D 21 3.45 -11.41 9.08
C SER D 21 3.87 -12.28 10.30
N GLU D 22 3.40 -11.89 11.47
CA GLU D 22 3.59 -12.62 12.73
C GLU D 22 3.32 -14.14 12.64
N LEU D 23 2.34 -14.54 11.84
CA LEU D 23 1.98 -15.99 11.72
C LEU D 23 2.82 -16.83 10.73
N LEU D 24 3.65 -16.15 9.91
CA LEU D 24 4.45 -16.80 8.87
C LEU D 24 5.40 -17.81 9.50
N GLY D 25 5.40 -19.02 8.96
CA GLY D 25 6.23 -20.11 9.51
C GLY D 25 5.76 -20.69 10.84
N SER D 26 4.60 -20.26 11.37
CA SER D 26 4.15 -20.70 12.71
C SER D 26 3.49 -22.07 12.64
N GLU D 27 3.48 -22.79 13.77
CA GLU D 27 2.80 -24.08 13.87
C GLU D 27 1.25 -24.01 13.69
N GLU D 28 0.64 -22.89 14.05
CA GLU D 28 -0.82 -22.73 13.97
C GLU D 28 -1.20 -22.52 12.51
N LEU D 29 -0.43 -21.71 11.78
CA LEU D 29 -0.62 -21.64 10.32
C LEU D 29 -0.35 -23.00 9.65
N GLN D 30 0.59 -23.77 10.17
CA GLN D 30 0.81 -25.12 9.64
C GLN D 30 -0.42 -26.02 9.84
N ARG D 31 -0.95 -26.14 11.07
CA ARG D 31 -2.16 -26.96 11.32
C ARG D 31 -3.32 -26.63 10.39
N LEU D 32 -3.49 -25.36 10.07
CA LEU D 32 -4.57 -24.91 9.20
C LEU D 32 -4.35 -25.43 7.76
N ILE D 33 -3.12 -25.31 7.26
CA ILE D 33 -2.73 -25.83 5.92
C ILE D 33 -3.01 -27.34 5.86
N ASP D 34 -2.62 -28.08 6.89
CA ASP D 34 -2.79 -29.55 6.91
C ASP D 34 -4.27 -29.97 6.94
N ASP D 35 -5.01 -29.40 7.88
CA ASP D 35 -6.47 -29.47 7.89
C ASP D 35 -7.07 -29.15 6.51
N MET D 36 -6.56 -28.12 5.82
CA MET D 36 -7.05 -27.81 4.47
C MET D 36 -6.71 -28.85 3.40
N PHE D 37 -5.50 -29.40 3.43
CA PHE D 37 -5.19 -30.49 2.48
C PHE D 37 -6.02 -31.77 2.67
N GLU D 38 -6.24 -32.20 3.91
CA GLU D 38 -6.94 -33.45 4.17
C GLU D 38 -8.41 -33.31 3.77
N THR D 39 -9.00 -32.15 4.03
CA THR D 39 -10.38 -31.87 3.64
C THR D 39 -10.59 -31.81 2.12
N MET D 40 -9.66 -31.16 1.43
CA MET D 40 -9.71 -31.06 -0.02
C MET D 40 -9.36 -32.39 -0.66
N HIS D 41 -8.51 -33.17 -0.02
CA HIS D 41 -8.18 -34.50 -0.53
C HIS D 41 -9.35 -35.49 -0.22
N HIS D 42 -10.06 -35.31 0.89
CA HIS D 42 -11.17 -36.20 1.28
C HIS D 42 -12.41 -36.06 0.39
N VAL D 43 -12.79 -34.82 0.08
CA VAL D 43 -13.92 -34.55 -0.83
C VAL D 43 -13.57 -34.46 -2.33
N GLY D 44 -12.33 -34.76 -2.72
CA GLY D 44 -11.96 -34.83 -4.14
C GLY D 44 -12.07 -33.52 -4.93
N GLY D 45 -11.70 -32.41 -4.29
CA GLY D 45 -11.59 -31.12 -4.96
C GLY D 45 -10.17 -30.77 -5.42
N VAL D 46 -10.11 -29.87 -6.40
CA VAL D 46 -8.88 -29.43 -7.01
C VAL D 46 -8.30 -28.16 -6.31
N GLY D 47 -9.08 -27.52 -5.43
CA GLY D 47 -8.70 -26.26 -4.76
C GLY D 47 -9.58 -25.99 -3.53
N LEU D 48 -9.14 -25.10 -2.64
CA LEU D 48 -9.89 -24.76 -1.41
C LEU D 48 -9.44 -23.43 -0.80
N ALA D 49 -10.39 -22.61 -0.37
CA ALA D 49 -10.09 -21.32 0.24
C ALA D 49 -10.43 -21.33 1.75
N ALA D 50 -9.58 -20.70 2.57
CA ALA D 50 -9.81 -20.72 4.03
C ALA D 50 -11.21 -20.20 4.48
N PRO D 51 -11.78 -19.19 3.79
CA PRO D 51 -13.15 -18.76 4.12
C PRO D 51 -14.23 -19.83 3.91
N GLN D 52 -13.99 -20.80 3.01
CA GLN D 52 -14.88 -21.93 2.82
C GLN D 52 -14.94 -22.89 3.99
N ILE D 53 -13.96 -22.84 4.89
CA ILE D 53 -14.02 -23.64 6.12
C ILE D 53 -14.19 -22.78 7.36
N GLY D 54 -14.70 -21.56 7.20
CA GLY D 54 -15.02 -20.71 8.34
C GLY D 54 -14.00 -19.69 8.75
N VAL D 55 -12.75 -19.86 8.28
CA VAL D 55 -11.65 -19.03 8.74
C VAL D 55 -11.48 -17.82 7.82
N ASP D 56 -11.47 -16.63 8.42
CA ASP D 56 -11.46 -15.34 7.70
C ASP D 56 -10.02 -14.88 7.31
N LEU D 57 -9.33 -15.67 6.48
CA LEU D 57 -7.89 -15.42 6.08
C LEU D 57 -7.60 -15.54 4.57
N GLN D 58 -6.70 -14.70 4.07
CA GLN D 58 -6.34 -14.74 2.65
C GLN D 58 -5.37 -15.91 2.44
N LEU D 59 -5.93 -17.09 2.35
CA LEU D 59 -5.18 -18.34 2.27
C LEU D 59 -5.95 -19.29 1.36
N VAL D 60 -5.28 -19.81 0.33
CA VAL D 60 -5.89 -20.74 -0.62
C VAL D 60 -4.90 -21.81 -0.90
N ILE D 61 -5.37 -23.03 -1.16
CA ILE D 61 -4.50 -24.12 -1.59
C ILE D 61 -5.06 -24.65 -2.88
N PHE D 62 -4.23 -25.31 -3.70
CA PHE D 62 -4.68 -25.97 -4.92
C PHE D 62 -3.60 -26.86 -5.47
N GLY D 63 -3.98 -27.75 -6.41
CA GLY D 63 -3.07 -28.66 -7.15
C GLY D 63 -3.82 -29.92 -7.63
N PHE D 64 -3.41 -30.52 -8.77
CA PHE D 64 -3.70 -31.99 -9.07
C PHE D 64 -2.87 -32.59 -10.25
N GLU D 65 -2.78 -33.92 -10.31
CA GLU D 65 -2.00 -34.67 -11.34
C GLU D 65 -2.77 -35.86 -11.96
N PRO D 74 -4.42 -31.66 -17.82
CA PRO D 74 -3.53 -30.58 -17.42
C PRO D 74 -3.32 -30.57 -15.92
N ALA D 75 -2.09 -30.91 -15.53
CA ALA D 75 -1.67 -30.92 -14.13
C ALA D 75 -1.47 -29.48 -13.66
N VAL D 76 -1.60 -29.29 -12.36
CA VAL D 76 -1.42 -27.99 -11.71
C VAL D 76 -0.67 -28.38 -10.44
N PRO D 77 0.48 -27.73 -10.18
CA PRO D 77 1.33 -28.13 -9.06
C PRO D 77 0.77 -27.73 -7.70
N PRO D 78 0.92 -28.62 -6.69
CA PRO D 78 0.45 -28.33 -5.31
C PRO D 78 1.03 -27.00 -4.80
N THR D 79 0.16 -26.04 -4.52
CA THR D 79 0.56 -24.73 -4.09
C THR D 79 -0.25 -24.35 -2.86
N ILE D 80 0.36 -23.49 -2.03
CA ILE D 80 -0.26 -22.81 -0.91
C ILE D 80 0.10 -21.35 -1.05
N LEU D 81 -0.89 -20.49 -1.25
CA LEU D 81 -0.68 -19.09 -1.63
C LEU D 81 -1.33 -18.14 -0.63
N LEU D 82 -0.55 -17.22 -0.06
CA LEU D 82 -1.07 -16.32 0.96
C LEU D 82 -1.08 -14.90 0.44
N ASN D 83 -2.02 -14.12 0.95
CA ASN D 83 -2.19 -12.74 0.59
C ASN D 83 -2.04 -12.51 -0.92
N PRO D 84 -2.83 -13.23 -1.72
CA PRO D 84 -2.56 -13.21 -3.14
C PRO D 84 -2.89 -11.93 -3.85
N ARG D 85 -2.34 -11.76 -5.04
CA ARG D 85 -2.65 -10.62 -5.88
C ARG D 85 -2.50 -11.06 -7.34
N ILE D 86 -3.55 -10.89 -8.13
CA ILE D 86 -3.59 -11.37 -9.52
C ILE D 86 -3.54 -10.25 -10.54
N THR D 87 -2.81 -10.45 -11.65
CA THR D 87 -2.70 -9.43 -12.70
C THR D 87 -2.97 -10.09 -14.04
N PRO D 88 -4.03 -9.66 -14.74
CA PRO D 88 -4.21 -10.13 -16.12
C PRO D 88 -3.05 -9.71 -17.02
N LEU D 89 -2.54 -10.62 -17.83
CA LEU D 89 -1.47 -10.29 -18.82
C LEU D 89 -2.00 -9.89 -20.21
N ASP D 90 -3.26 -10.20 -20.48
CA ASP D 90 -3.92 -9.70 -21.70
C ASP D 90 -5.42 -9.90 -21.58
N ASP D 91 -6.13 -9.44 -22.59
CA ASP D 91 -7.58 -9.42 -22.57
C ASP D 91 -8.26 -10.76 -22.92
N GLU D 92 -7.63 -11.60 -23.74
CA GLU D 92 -8.20 -12.89 -24.17
C GLU D 92 -8.78 -13.69 -22.99
N MET D 93 -10.11 -13.86 -23.02
CA MET D 93 -10.88 -14.66 -22.06
C MET D 93 -11.09 -16.07 -22.60
N GLU D 94 -11.53 -16.97 -21.75
CA GLU D 94 -11.78 -18.35 -22.16
C GLU D 94 -12.90 -18.98 -21.31
N GLU D 95 -13.95 -19.45 -21.96
CA GLU D 95 -15.02 -20.20 -21.29
C GLU D 95 -14.53 -21.58 -20.85
N GLY D 96 -15.06 -22.06 -19.74
CA GLY D 96 -14.74 -23.40 -19.30
C GLY D 96 -15.55 -23.72 -18.08
N TRP D 97 -15.64 -25.01 -17.78
CA TRP D 97 -16.54 -25.53 -16.79
C TRP D 97 -15.95 -25.39 -15.41
N GLU D 98 -16.80 -25.04 -14.45
CA GLU D 98 -16.42 -24.87 -13.06
C GLU D 98 -17.39 -25.56 -12.11
N GLY D 99 -16.83 -25.97 -10.98
CA GLY D 99 -17.57 -26.52 -9.87
C GLY D 99 -16.91 -26.04 -8.59
N CYS D 100 -17.43 -26.43 -7.45
CA CYS D 100 -17.01 -25.83 -6.20
C CYS D 100 -17.64 -26.66 -5.12
N LEU D 101 -16.87 -26.98 -4.10
CA LEU D 101 -17.37 -27.77 -2.97
C LEU D 101 -18.45 -27.00 -2.14
N SER D 102 -18.39 -25.65 -2.16
CA SER D 102 -19.48 -24.81 -1.60
C SER D 102 -20.80 -24.75 -2.40
N VAL D 103 -20.82 -25.28 -3.62
CA VAL D 103 -22.00 -25.26 -4.50
C VAL D 103 -22.30 -26.71 -4.91
N PRO D 104 -22.45 -27.63 -3.94
CA PRO D 104 -22.46 -29.07 -4.30
C PRO D 104 -23.54 -29.46 -5.32
N GLY D 105 -23.18 -30.33 -6.25
CA GLY D 105 -24.13 -30.87 -7.20
C GLY D 105 -24.33 -30.05 -8.47
N LEU D 106 -23.61 -28.93 -8.60
CA LEU D 106 -23.77 -28.04 -9.75
C LEU D 106 -22.49 -27.96 -10.59
N ARG D 107 -22.64 -27.40 -11.80
CA ARG D 107 -21.55 -27.00 -12.68
C ARG D 107 -22.00 -25.76 -13.44
N GLY D 108 -21.06 -24.94 -13.92
CA GLY D 108 -21.42 -23.79 -14.76
C GLY D 108 -20.25 -23.46 -15.66
N ALA D 109 -20.55 -22.83 -16.79
CA ALA D 109 -19.54 -22.19 -17.65
C ALA D 109 -19.27 -20.73 -17.22
N VAL D 110 -17.97 -20.37 -17.17
CA VAL D 110 -17.49 -19.09 -16.68
C VAL D 110 -16.39 -18.61 -17.59
N SER D 111 -16.36 -17.31 -17.88
CA SER D 111 -15.29 -16.74 -18.66
C SER D 111 -14.29 -16.18 -17.70
N ARG D 112 -13.04 -16.62 -17.87
CA ARG D 112 -11.98 -16.22 -17.00
C ARG D 112 -10.87 -15.76 -17.91
N HIS D 113 -9.94 -14.97 -17.35
CA HIS D 113 -8.73 -14.62 -18.07
C HIS D 113 -7.88 -15.80 -18.35
N ARG D 114 -7.42 -15.85 -19.59
CA ARG D 114 -6.65 -16.97 -20.10
C ARG D 114 -5.25 -17.03 -19.50
N ARG D 115 -4.61 -15.86 -19.40
CA ARG D 115 -3.24 -15.72 -18.87
C ARG D 115 -3.20 -14.74 -17.70
N ILE D 116 -2.60 -15.15 -16.58
CA ILE D 116 -2.41 -14.26 -15.44
C ILE D 116 -1.04 -14.32 -14.80
N ARG D 117 -0.67 -13.23 -14.16
CA ARG D 117 0.43 -13.20 -13.23
C ARG D 117 -0.20 -13.28 -11.85
N TYR D 118 0.32 -14.13 -10.99
CA TYR D 118 -0.05 -14.03 -9.57
C TYR D 118 1.13 -13.95 -8.66
N GLN D 119 0.98 -13.14 -7.61
CA GLN D 119 1.99 -13.01 -6.55
C GLN D 119 1.32 -13.10 -5.18
N GLY D 120 2.15 -13.29 -4.16
CA GLY D 120 1.69 -13.77 -2.85
C GLY D 120 2.85 -14.35 -2.07
N LEU D 121 2.57 -14.88 -0.87
CA LEU D 121 3.62 -15.41 -0.03
C LEU D 121 3.38 -16.89 0.11
N ASP D 122 4.45 -17.67 0.32
CA ASP D 122 4.28 -19.05 0.79
C ASP D 122 4.11 -19.03 2.32
N PRO D 123 3.92 -20.19 2.98
CA PRO D 123 3.65 -20.15 4.41
C PRO D 123 4.82 -19.82 5.33
N GLN D 124 6.04 -19.65 4.80
CA GLN D 124 7.17 -19.18 5.60
C GLN D 124 7.64 -17.77 5.23
N GLY D 125 6.92 -17.07 4.36
CA GLY D 125 7.27 -15.68 4.04
C GLY D 125 7.94 -15.44 2.70
N GLN D 126 8.26 -16.50 1.97
CA GLN D 126 9.09 -16.37 0.75
C GLN D 126 8.14 -15.93 -0.36
N PRO D 127 8.50 -14.91 -1.14
CA PRO D 127 7.58 -14.42 -2.18
C PRO D 127 7.33 -15.39 -3.33
N ILE D 128 6.08 -15.47 -3.79
CA ILE D 128 5.70 -16.22 -5.00
C ILE D 128 5.38 -15.20 -6.07
N ASP D 129 5.66 -15.58 -7.32
CA ASP D 129 5.45 -14.73 -8.51
C ASP D 129 5.56 -15.60 -9.79
N ARG D 130 4.42 -16.16 -10.20
CA ARG D 130 4.27 -17.03 -11.37
C ARG D 130 3.44 -16.37 -12.44
N SER D 131 3.75 -16.68 -13.70
CA SER D 131 2.93 -16.36 -14.85
C SER D 131 2.47 -17.67 -15.48
N VAL D 132 1.17 -17.82 -15.68
CA VAL D 132 0.54 -19.10 -15.98
C VAL D 132 -0.63 -18.93 -16.94
N GLU D 133 -1.07 -20.03 -17.53
CA GLU D 133 -2.20 -20.02 -18.45
C GLU D 133 -3.13 -21.24 -18.36
N GLY D 134 -4.30 -21.13 -19.01
CA GLY D 134 -5.26 -22.22 -19.13
C GLY D 134 -5.84 -22.63 -17.79
N PHE D 135 -5.89 -23.92 -17.54
CA PHE D 135 -6.53 -24.43 -16.33
C PHE D 135 -5.91 -23.87 -15.06
N HIS D 136 -4.57 -23.79 -15.04
CA HIS D 136 -3.86 -23.23 -13.88
C HIS D 136 -4.35 -21.78 -13.59
N ALA D 137 -4.35 -20.93 -14.62
CA ALA D 137 -4.89 -19.61 -14.51
C ALA D 137 -6.29 -19.60 -13.92
N ARG D 138 -7.13 -20.53 -14.38
CA ARG D 138 -8.53 -20.60 -13.99
C ARG D 138 -8.63 -21.05 -12.54
N VAL D 139 -7.82 -22.00 -12.15
CA VAL D 139 -7.89 -22.48 -10.79
C VAL D 139 -7.62 -21.33 -9.80
N VAL D 140 -6.60 -20.54 -10.10
CA VAL D 140 -6.18 -19.48 -9.22
C VAL D 140 -7.27 -18.40 -9.13
N GLN D 141 -7.76 -17.93 -10.29
CA GLN D 141 -8.85 -16.95 -10.34
C GLN D 141 -10.04 -17.39 -9.44
N HIS D 142 -10.51 -18.60 -9.65
CA HIS D 142 -11.64 -19.13 -8.92
C HIS D 142 -11.42 -19.14 -7.41
N GLU D 143 -10.21 -19.47 -7.01
CA GLU D 143 -9.91 -19.54 -5.59
C GLU D 143 -9.68 -18.14 -4.99
N CYS D 144 -9.10 -17.21 -5.75
CA CYS D 144 -8.94 -15.84 -5.25
C CYS D 144 -10.28 -15.07 -5.13
N ASP D 145 -11.23 -15.37 -6.01
CA ASP D 145 -12.63 -14.93 -5.82
C ASP D 145 -13.23 -15.26 -4.44
N HIS D 146 -12.92 -16.41 -3.88
CA HIS D 146 -13.43 -16.74 -2.54
C HIS D 146 -12.99 -15.76 -1.44
N LEU D 147 -11.85 -15.08 -1.65
CA LEU D 147 -11.30 -14.12 -0.70
C LEU D 147 -11.87 -12.71 -0.91
N ILE D 148 -12.67 -12.50 -1.95
CA ILE D 148 -13.45 -11.26 -2.10
C ILE D 148 -14.94 -11.52 -2.07
N GLY D 149 -15.35 -12.62 -1.44
CA GLY D 149 -16.77 -12.88 -1.19
C GLY D 149 -17.61 -13.24 -2.39
N ARG D 150 -17.01 -13.96 -3.36
CA ARG D 150 -17.60 -14.15 -4.68
C ARG D 150 -17.49 -15.60 -5.12
N LEU D 151 -18.65 -16.21 -5.43
CA LEU D 151 -18.69 -17.55 -5.93
C LEU D 151 -18.96 -17.50 -7.41
N TYR D 152 -18.68 -18.60 -8.10
CA TYR D 152 -18.73 -18.66 -9.55
C TYR D 152 -20.10 -18.42 -10.24
N PRO D 153 -21.23 -18.83 -9.64
CA PRO D 153 -22.53 -18.42 -10.25
C PRO D 153 -22.69 -16.87 -10.44
N SER D 154 -22.09 -16.11 -9.51
CA SER D 154 -22.00 -14.64 -9.64
C SER D 154 -21.07 -14.17 -10.79
N ARG D 155 -20.45 -15.11 -11.50
CA ARG D 155 -19.58 -14.81 -12.63
C ARG D 155 -20.09 -15.32 -13.93
N ILE D 156 -21.03 -16.27 -13.92
CA ILE D 156 -21.65 -16.83 -15.15
C ILE D 156 -22.26 -15.74 -16.04
N THR D 157 -21.95 -15.75 -17.33
CA THR D 157 -22.61 -14.87 -18.30
C THR D 157 -23.64 -15.56 -19.17
N ASP D 158 -23.58 -16.88 -19.25
CA ASP D 158 -24.45 -17.66 -20.12
C ASP D 158 -25.11 -18.74 -19.24
N PHE D 159 -26.38 -18.49 -18.91
CA PHE D 159 -27.09 -19.32 -17.97
C PHE D 159 -27.63 -20.60 -18.57
N SER D 160 -27.63 -20.69 -19.90
CA SER D 160 -27.88 -21.96 -20.57
C SER D 160 -26.88 -23.04 -20.18
N LYS D 161 -25.69 -22.66 -19.71
CA LYS D 161 -24.68 -23.64 -19.29
C LYS D 161 -24.59 -23.83 -17.77
N PHE D 162 -25.65 -23.46 -17.04
CA PHE D 162 -25.65 -23.58 -15.62
C PHE D 162 -26.61 -24.69 -15.27
N GLY D 163 -26.17 -25.71 -14.59
CA GLY D 163 -27.08 -26.73 -14.17
C GLY D 163 -26.50 -27.79 -13.29
N PHE D 164 -27.33 -28.76 -12.96
CA PHE D 164 -26.95 -29.92 -12.17
C PHE D 164 -26.03 -30.87 -12.97
N THR D 165 -25.09 -31.45 -12.26
CA THR D 165 -23.99 -32.22 -12.87
C THR D 165 -24.51 -33.47 -13.57
N GLU D 166 -25.22 -34.28 -12.82
CA GLU D 166 -25.99 -35.43 -13.31
C GLU D 166 -26.85 -35.15 -14.57
N VAL D 167 -27.41 -33.94 -14.68
CA VAL D 167 -28.22 -33.55 -15.85
C VAL D 167 -27.33 -33.09 -17.02
N LEU D 168 -26.30 -32.27 -16.75
CA LEU D 168 -25.26 -31.96 -17.76
C LEU D 168 -24.21 -33.06 -17.79
NI NI E . 14.38 9.82 3.73
NI NI F . -21.86 -13.35 28.46
NI NI G . 3.33 -20.68 18.28
NI NI H . 12.95 19.38 -30.44
O1 K1U I . 14.99 19.12 -32.83
C8 K1U I . 15.46 20.02 -32.16
O2 K1U I . 15.53 19.90 -30.81
C24 K1U I . 16.03 21.27 -32.86
C9 K1U I . 15.02 22.29 -33.37
C1 K1U I . 14.60 23.26 -32.23
C2 K1U I . 13.72 24.51 -32.40
C3 K1U I . 13.17 25.02 -33.59
C4 K1U I . 12.40 26.18 -33.59
C5 K1U I . 12.16 26.85 -32.39
C6 K1U I . 12.71 26.38 -31.21
C7 K1U I . 13.49 25.22 -31.22
C10 K1U I . 15.31 22.77 -34.79
O3 K1U I . 16.36 23.39 -34.93
S1 K1U I . 14.40 22.49 -36.19
C11 K1U I . 15.33 22.40 -37.71
C12 K1U I . 15.11 23.55 -38.68
O4 K1U I . 14.51 24.56 -38.30
C13 K1U I . 15.62 23.55 -40.14
C14 K1U I . 15.71 22.37 -40.90
C15 K1U I . 16.15 22.41 -42.22
C16 K1U I . 16.53 23.61 -42.82
C17 K1U I . 16.45 24.80 -42.08
C18 K1U I . 16.00 24.77 -40.75
NI NI J . -14.69 -22.79 -4.95
NI NI K . 1.49 -6.84 11.85
#